data_6JZ7
#
_entry.id   6JZ7
#
_cell.length_a   160.539
_cell.length_b   102.397
_cell.length_c   110.776
_cell.angle_alpha   90.00
_cell.angle_beta   130.78
_cell.angle_gamma   90.00
#
_symmetry.space_group_name_H-M   'C 1 2 1'
#
loop_
_entity.id
_entity.type
_entity.pdbx_description
1 polymer Beta-glucuronidase
2 non-polymer '(3~{S},4~{R},5~{R})-4,5-bis(oxidanyl)-1-propyl-piperidine-3-carboxylic acid'
3 water water
#
_entity_poly.entity_id   1
_entity_poly.type   'polypeptide(L)'
_entity_poly.pdbx_seq_one_letter_code
;MLEYSELYPIQNEYRMMQSLDGMWKFQFDPEEIGKKSGWENGLPAPVSMPVPSSFADFFTDHKERDYCGDFWYETEFYLP
AEWRNKKIWLRFGSITHRGTVYCNGMEITSHEGGFLPVLADISTVAKPGQVNQVVVKINNELNETSLPCGATKILNNGRK
LAKPYFDFFNYSGLQRSVWVIALPEESVKDYSVDYELCGTDALVKYEVVTTGEHPVIVRLLDAEGELVAETEGKEGILQV
ANARLWEVRNAYLYQIVILITDGNGVLDEYREKIGIRTVRIEGTKILLNDRPVYLKGFGKHEDFPILGRGFHWGIVKRDF
ECLKWTNANCFRTSHYPYAEEWYQFADEEGFLIIDEVPAVGMMRSTRNFVAAGSGNYTYFFEALTVPELLKSHIADTEEM
ITRDKNHPSVIAWSLFNEPETITDYAYEYFKEVFAAAETYDFQSRPMTGAFEKNSKPELCKCYPLCDFICLNRYYGWYIS
GGPEIEEAEELFRDEMDRWKAKELNVPFVFTEFGTDTMAGLHKLPSIMWSEEYQKEYLEMNFRVFDSYEFVQGELAWNFA
DFQTTEGIMRVDGNHKGVFTRDRQPKAAAVVFKDRWEKKNELF
;
_entity_poly.pdbx_strand_id   A,B
#
loop_
_chem_comp.id
_chem_comp.type
_chem_comp.name
_chem_comp.formula
CKU non-polymer '(3~{S},4~{R},5~{R})-4,5-bis(oxidanyl)-1-propyl-piperidine-3-carboxylic acid' 'C9 H17 N O4'
#
# COMPACT_ATOMS: atom_id res chain seq x y z
N LEU A 2 9.02 29.67 6.48
CA LEU A 2 8.79 28.92 5.25
C LEU A 2 7.84 29.65 4.32
N GLU A 3 8.07 29.51 3.03
CA GLU A 3 7.23 30.14 2.01
C GLU A 3 6.04 29.26 1.63
N TYR A 4 5.62 28.43 2.57
CA TYR A 4 4.50 27.52 2.36
C TYR A 4 4.10 26.98 3.73
N SER A 5 2.99 26.27 3.75
CA SER A 5 2.48 25.69 4.99
C SER A 5 2.89 24.23 5.09
N GLU A 6 3.23 23.79 6.31
CA GLU A 6 3.52 22.38 6.55
C GLU A 6 2.27 21.64 7.01
N LEU A 7 1.17 22.37 7.23
CA LEU A 7 -0.02 21.76 7.82
C LEU A 7 -0.54 20.62 6.98
N TYR A 8 -0.92 19.54 7.65
CA TYR A 8 -1.47 18.39 6.97
C TYR A 8 -2.77 18.77 6.28
N PRO A 9 -2.96 18.29 5.05
CA PRO A 9 -4.15 18.74 4.31
C PRO A 9 -5.44 18.14 4.84
N ILE A 10 -6.49 18.95 4.88
CA ILE A 10 -7.80 18.49 5.27
C ILE A 10 -8.83 18.96 4.25
N GLN A 11 -10.02 18.38 4.33
CA GLN A 11 -11.08 18.80 3.46
C GLN A 11 -12.27 19.30 4.25
N ASN A 12 -12.70 20.51 3.91
CA ASN A 12 -13.90 21.06 4.51
C ASN A 12 -14.47 22.10 3.54
N GLU A 13 -15.32 22.99 4.04
CA GLU A 13 -15.94 23.97 3.15
C GLU A 13 -14.92 24.90 2.49
N TYR A 14 -13.78 25.08 3.16
CA TYR A 14 -12.80 26.08 2.74
C TYR A 14 -11.59 25.48 2.07
N ARG A 15 -11.29 24.23 2.41
CA ARG A 15 -10.10 23.55 1.94
C ARG A 15 -10.49 22.29 1.20
N MET A 16 -9.90 22.08 0.03
CA MET A 16 -10.21 20.89 -0.73
C MET A 16 -8.94 20.11 -0.98
N MET A 17 -9.08 18.83 -1.20
CA MET A 17 -7.93 17.99 -1.47
C MET A 17 -8.33 16.86 -2.39
N GLN A 18 -7.39 16.47 -3.22
CA GLN A 18 -7.59 15.38 -4.16
C GLN A 18 -6.31 14.57 -4.19
N SER A 19 -6.43 13.27 -3.97
CA SER A 19 -5.26 12.41 -3.95
C SER A 19 -4.71 12.22 -5.36
N LEU A 20 -3.40 12.31 -5.47
CA LEU A 20 -2.72 11.99 -6.73
C LEU A 20 -2.03 10.63 -6.65
N ASP A 21 -2.26 9.89 -5.56
CA ASP A 21 -1.66 8.57 -5.42
C ASP A 21 -2.20 7.65 -6.51
N GLY A 22 -1.40 6.68 -6.91
CA GLY A 22 -1.81 5.74 -7.93
C GLY A 22 -0.61 5.40 -8.78
N MET A 23 -0.84 5.08 -10.05
CA MET A 23 0.24 4.77 -10.97
C MET A 23 0.62 6.02 -11.73
N TRP A 24 1.85 6.47 -11.53
CA TRP A 24 2.35 7.59 -12.28
C TRP A 24 3.16 7.10 -13.46
N LYS A 25 3.45 7.99 -14.38
CA LYS A 25 4.42 7.71 -15.42
C LYS A 25 5.80 8.01 -14.87
N PHE A 26 6.79 7.27 -15.34
CA PHE A 26 8.11 7.31 -14.75
C PHE A 26 9.13 7.04 -15.82
N GLN A 27 10.23 7.77 -15.79
CA GLN A 27 11.30 7.48 -16.73
C GLN A 27 12.65 7.81 -16.13
N PHE A 28 13.57 6.86 -16.22
CA PHE A 28 14.95 7.10 -15.85
C PHE A 28 15.60 8.05 -16.84
N ASP A 29 16.54 8.84 -16.35
CA ASP A 29 17.22 9.82 -17.20
C ASP A 29 18.74 9.75 -17.03
N PRO A 30 19.34 8.62 -17.41
CA PRO A 30 20.77 8.42 -17.19
C PRO A 30 21.64 9.42 -17.94
N GLU A 31 21.18 9.90 -19.09
CA GLU A 31 21.96 10.86 -19.87
C GLU A 31 21.69 12.31 -19.49
N GLU A 32 20.78 12.52 -18.54
CA GLU A 32 20.44 13.86 -18.07
C GLU A 32 20.01 14.75 -19.22
N ILE A 33 19.05 14.24 -19.98
CA ILE A 33 18.55 14.96 -21.14
C ILE A 33 17.11 15.42 -21.01
N GLY A 34 16.47 15.15 -19.88
CA GLY A 34 15.06 15.42 -19.72
C GLY A 34 14.69 16.87 -19.97
N LYS A 35 15.38 17.79 -19.31
CA LYS A 35 15.02 19.20 -19.44
C LYS A 35 15.31 19.73 -20.84
N LYS A 36 16.40 19.29 -21.45
CA LYS A 36 16.73 19.77 -22.79
C LYS A 36 15.90 19.04 -23.84
N SER A 37 15.11 18.08 -23.39
CA SER A 37 14.23 17.32 -24.29
C SER A 37 12.76 17.64 -24.03
N GLY A 38 12.50 18.59 -23.15
CA GLY A 38 11.14 18.99 -22.84
C GLY A 38 10.32 17.97 -22.06
N TRP A 39 10.98 17.15 -21.25
CA TRP A 39 10.25 16.18 -20.46
C TRP A 39 9.30 16.83 -19.47
N GLU A 40 9.53 18.09 -19.14
CA GLU A 40 8.63 18.78 -18.22
C GLU A 40 7.23 18.90 -18.82
N ASN A 41 7.13 18.71 -20.14
CA ASN A 41 5.84 18.71 -20.82
C ASN A 41 5.27 17.31 -21.01
N GLY A 42 5.96 16.30 -20.49
CA GLY A 42 5.50 14.94 -20.61
C GLY A 42 6.66 14.02 -20.96
N LEU A 43 6.69 12.85 -20.32
CA LEU A 43 7.76 11.90 -20.54
C LEU A 43 7.55 11.16 -21.85
N PRO A 44 8.62 11.00 -22.63
CA PRO A 44 8.49 10.44 -23.98
C PRO A 44 8.29 8.92 -24.02
N ALA A 45 8.85 8.19 -23.07
CA ALA A 45 8.74 6.73 -23.08
C ALA A 45 8.65 6.19 -21.67
N PRO A 46 7.61 6.60 -20.95
CA PRO A 46 7.52 6.24 -19.53
C PRO A 46 7.07 4.81 -19.29
N VAL A 47 7.37 4.33 -18.09
CA VAL A 47 6.72 3.14 -17.59
C VAL A 47 5.86 3.60 -16.42
N SER A 48 5.09 2.68 -15.85
CA SER A 48 4.25 3.01 -14.71
C SER A 48 5.02 2.83 -13.44
N MET A 49 4.78 3.70 -12.47
CA MET A 49 5.43 3.62 -11.18
C MET A 49 4.43 3.95 -10.07
N PRO A 50 4.26 3.03 -9.12
CA PRO A 50 3.35 3.30 -8.01
C PRO A 50 3.80 4.49 -7.17
N VAL A 51 2.82 5.28 -6.74
CA VAL A 51 3.05 6.34 -5.79
C VAL A 51 1.96 6.23 -4.75
N PRO A 52 2.32 6.17 -3.48
CA PRO A 52 3.68 6.24 -2.92
C PRO A 52 4.43 4.92 -3.00
N SER A 53 5.73 4.99 -3.27
CA SER A 53 6.62 3.84 -3.21
C SER A 53 8.04 4.30 -3.45
N SER A 54 9.01 3.50 -3.03
CA SER A 54 10.36 3.66 -3.56
C SER A 54 10.40 2.89 -4.85
N PHE A 55 11.10 3.39 -5.86
CA PHE A 55 11.07 2.69 -7.15
C PHE A 55 11.92 1.43 -7.17
N ALA A 56 12.91 1.34 -6.30
CA ALA A 56 14.00 0.38 -6.51
C ALA A 56 13.58 -1.08 -6.64
N ASP A 57 12.72 -1.56 -5.75
CA ASP A 57 12.57 -3.01 -5.63
C ASP A 57 11.52 -3.62 -6.54
N PHE A 58 10.90 -2.79 -7.37
CA PHE A 58 9.98 -3.32 -8.36
C PHE A 58 10.70 -4.07 -9.46
N PHE A 59 11.85 -3.55 -9.84
CA PHE A 59 12.53 -4.02 -11.03
C PHE A 59 13.24 -5.35 -10.84
N THR A 60 13.55 -6.00 -11.96
CA THR A 60 14.25 -7.28 -11.92
C THR A 60 15.70 -7.16 -12.38
N ASP A 61 16.13 -5.98 -12.78
CA ASP A 61 17.50 -5.75 -13.25
C ASP A 61 18.28 -4.89 -12.27
N HIS A 62 19.56 -5.21 -12.09
CA HIS A 62 20.37 -4.48 -11.11
C HIS A 62 20.44 -2.99 -11.42
N LYS A 63 20.59 -2.64 -12.69
CA LYS A 63 20.84 -1.24 -13.02
C LYS A 63 19.63 -0.37 -12.74
N GLU A 64 18.45 -0.94 -12.80
CA GLU A 64 17.24 -0.20 -12.43
C GLU A 64 17.15 -0.07 -10.92
N ARG A 65 17.33 -1.18 -10.20
CA ARG A 65 17.30 -1.14 -8.74
C ARG A 65 18.28 -0.13 -8.18
N ASP A 66 19.50 -0.15 -8.72
CA ASP A 66 20.58 0.66 -8.18
C ASP A 66 20.69 2.01 -8.85
N TYR A 67 19.68 2.37 -9.63
CA TYR A 67 19.76 3.61 -10.40
C TYR A 67 20.05 4.80 -9.52
N CYS A 68 21.02 5.59 -9.95
CA CYS A 68 21.41 6.78 -9.22
C CYS A 68 21.59 7.90 -10.23
N GLY A 69 20.90 9.00 -9.98
CA GLY A 69 20.93 10.12 -10.90
C GLY A 69 19.57 10.77 -10.98
N ASP A 70 19.27 11.34 -12.15
CA ASP A 70 18.00 12.00 -12.42
C ASP A 70 16.97 11.00 -12.91
N PHE A 71 15.73 11.15 -12.46
CA PHE A 71 14.64 10.34 -12.96
C PHE A 71 13.37 11.14 -12.77
N TRP A 72 12.36 10.82 -13.55
CA TRP A 72 11.21 11.70 -13.68
C TRP A 72 9.91 10.98 -13.43
N TYR A 73 8.96 11.71 -12.84
CA TYR A 73 7.61 11.23 -12.61
C TYR A 73 6.64 12.18 -13.29
N GLU A 74 5.52 11.64 -13.73
CA GLU A 74 4.48 12.45 -14.33
C GLU A 74 3.12 11.88 -14.01
N THR A 75 2.16 12.74 -13.73
CA THR A 75 0.79 12.28 -13.76
C THR A 75 -0.12 13.42 -14.24
N GLU A 76 -1.37 13.08 -14.50
CA GLU A 76 -2.37 14.05 -14.91
C GLU A 76 -3.51 13.96 -13.93
N PHE A 77 -4.23 15.06 -13.78
CA PHE A 77 -5.34 15.09 -12.85
C PHE A 77 -6.33 16.14 -13.31
N TYR A 78 -7.60 15.85 -13.14
CA TYR A 78 -8.63 16.82 -13.45
C TYR A 78 -8.85 17.71 -12.23
N LEU A 79 -8.80 19.02 -12.42
CA LEU A 79 -9.05 19.97 -11.34
C LEU A 79 -10.49 20.44 -11.43
N PRO A 80 -11.25 20.32 -10.33
CA PRO A 80 -12.64 20.77 -10.35
C PRO A 80 -12.70 22.26 -10.66
N ALA A 81 -13.67 22.65 -11.48
CA ALA A 81 -13.82 24.05 -11.85
C ALA A 81 -14.02 24.91 -10.60
N GLU A 82 -14.64 24.33 -9.58
CA GLU A 82 -14.94 25.05 -8.35
C GLU A 82 -13.69 25.46 -7.58
N TRP A 83 -12.54 24.94 -7.97
CA TRP A 83 -11.29 25.32 -7.31
C TRP A 83 -10.73 26.64 -7.84
N ARG A 84 -11.37 27.18 -8.84
CA ARG A 84 -10.96 28.47 -9.37
C ARG A 84 -10.98 29.53 -8.26
N ASN A 85 -10.09 30.50 -8.30
CA ASN A 85 -10.04 31.53 -7.25
C ASN A 85 -9.57 31.04 -5.87
N LYS A 86 -9.14 29.78 -5.80
CA LYS A 86 -8.50 29.28 -4.60
C LYS A 86 -6.99 29.32 -4.80
N LYS A 87 -6.25 29.23 -3.71
CA LYS A 87 -4.82 28.98 -3.80
C LYS A 87 -4.64 27.49 -3.96
N ILE A 88 -4.05 27.08 -5.09
CA ILE A 88 -3.97 25.66 -5.41
C ILE A 88 -2.52 25.21 -5.31
N TRP A 89 -2.29 24.14 -4.56
CA TRP A 89 -0.95 23.66 -4.30
C TRP A 89 -0.84 22.18 -4.60
N LEU A 90 0.31 21.79 -5.13
CA LEU A 90 0.70 20.38 -5.08
C LEU A 90 1.40 20.14 -3.77
N ARG A 91 1.02 19.06 -3.08
CA ARG A 91 1.67 18.74 -1.82
C ARG A 91 2.24 17.35 -1.91
N PHE A 92 3.55 17.25 -1.83
CA PHE A 92 4.21 15.95 -1.80
C PHE A 92 4.60 15.64 -0.37
N GLY A 93 4.23 14.47 0.13
CA GLY A 93 4.68 14.08 1.47
C GLY A 93 6.19 14.18 1.55
N SER A 94 6.85 13.82 0.47
CA SER A 94 8.29 14.04 0.32
C SER A 94 8.63 13.82 -1.15
N ILE A 95 9.84 14.24 -1.52
CA ILE A 95 10.42 13.97 -2.84
C ILE A 95 11.86 13.60 -2.54
N THR A 96 12.23 12.35 -2.82
CA THR A 96 13.50 11.85 -2.30
C THR A 96 14.51 11.66 -3.42
N HIS A 97 15.65 12.37 -3.41
CA HIS A 97 16.10 13.26 -2.34
C HIS A 97 15.87 14.72 -2.62
N ARG A 98 15.79 15.07 -3.89
CA ARG A 98 15.68 16.46 -4.27
C ARG A 98 14.96 16.47 -5.59
N GLY A 99 14.31 17.58 -5.90
CA GLY A 99 13.56 17.58 -7.14
C GLY A 99 13.04 18.95 -7.49
N THR A 100 12.55 19.04 -8.72
CA THR A 100 11.93 20.24 -9.20
C THR A 100 10.56 19.85 -9.69
N VAL A 101 9.55 20.57 -9.23
CA VAL A 101 8.16 20.29 -9.58
C VAL A 101 7.75 21.20 -10.72
N TYR A 102 7.20 20.59 -11.77
CA TYR A 102 6.64 21.32 -12.90
C TYR A 102 5.15 21.06 -12.93
N CYS A 103 4.39 22.06 -13.37
CA CYS A 103 2.97 21.86 -13.53
C CYS A 103 2.57 22.55 -14.82
N ASN A 104 1.88 21.82 -15.68
CA ASN A 104 1.49 22.33 -16.98
C ASN A 104 2.67 22.95 -17.73
N GLY A 105 3.81 22.28 -17.58
CA GLY A 105 5.00 22.65 -18.34
C GLY A 105 5.82 23.75 -17.70
N MET A 106 5.35 24.27 -16.57
CA MET A 106 5.98 25.41 -15.92
C MET A 106 6.73 25.00 -14.68
N GLU A 107 7.93 25.53 -14.50
CA GLU A 107 8.69 25.25 -13.31
C GLU A 107 8.04 25.93 -12.11
N ILE A 108 7.76 25.18 -11.07
CA ILE A 108 7.09 25.74 -9.90
C ILE A 108 8.03 25.96 -8.72
N THR A 109 8.69 24.89 -8.29
CA THR A 109 9.57 25.01 -7.14
C THR A 109 10.52 23.83 -7.12
N SER A 110 11.58 23.96 -6.31
CA SER A 110 12.53 22.89 -6.11
C SER A 110 12.72 22.69 -4.61
N HIS A 111 13.17 21.50 -4.23
CA HIS A 111 13.41 21.25 -2.82
C HIS A 111 14.53 20.24 -2.72
N GLU A 112 15.37 20.41 -1.71
CA GLU A 112 16.38 19.41 -1.39
C GLU A 112 16.12 18.95 0.03
N GLY A 113 16.14 17.65 0.23
CA GLY A 113 15.79 17.05 1.51
C GLY A 113 14.67 16.08 1.27
N GLY A 114 14.95 14.80 1.41
CA GLY A 114 14.07 13.78 0.88
C GLY A 114 13.02 13.22 1.80
N PHE A 115 12.82 13.85 2.96
CA PHE A 115 11.97 13.23 3.98
C PHE A 115 10.98 14.16 4.64
N LEU A 116 10.73 15.29 3.99
CA LEU A 116 9.79 16.27 4.49
C LEU A 116 8.97 16.83 3.33
N PRO A 117 7.80 17.41 3.64
CA PRO A 117 6.89 17.81 2.57
C PRO A 117 7.45 18.84 1.61
N VAL A 118 7.02 18.73 0.37
CA VAL A 118 7.35 19.70 -0.66
C VAL A 118 6.04 20.30 -1.12
N LEU A 119 5.94 21.62 -1.02
CA LEU A 119 4.73 22.35 -1.40
C LEU A 119 5.03 23.19 -2.62
N ALA A 120 4.18 23.05 -3.64
CA ALA A 120 4.38 23.79 -4.88
C ALA A 120 3.11 24.56 -5.21
N ASP A 121 3.21 25.88 -5.23
CA ASP A 121 2.06 26.74 -5.47
C ASP A 121 1.81 26.80 -6.97
N ILE A 122 0.76 26.13 -7.41
CA ILE A 122 0.40 26.12 -8.83
C ILE A 122 -0.78 27.03 -9.13
N SER A 123 -1.07 27.96 -8.24
CA SER A 123 -2.22 28.84 -8.41
C SER A 123 -2.21 29.55 -9.75
N THR A 124 -1.04 30.01 -10.19
CA THR A 124 -0.95 30.79 -11.41
C THR A 124 -0.91 29.97 -12.69
N VAL A 125 -0.70 28.67 -12.58
CA VAL A 125 -0.62 27.83 -13.79
C VAL A 125 -1.72 26.78 -13.84
N ALA A 126 -2.41 26.58 -12.73
CA ALA A 126 -3.49 25.59 -12.67
C ALA A 126 -4.62 25.96 -13.63
N LYS A 127 -5.26 24.94 -14.19
CA LYS A 127 -6.39 25.14 -15.08
C LYS A 127 -7.61 24.43 -14.50
N PRO A 128 -8.42 25.16 -13.71
CA PRO A 128 -9.62 24.56 -13.14
C PRO A 128 -10.57 24.14 -14.26
N GLY A 129 -11.26 23.03 -14.07
CA GLY A 129 -12.20 22.52 -15.06
C GLY A 129 -11.52 21.86 -16.25
N GLN A 130 -10.25 21.49 -16.07
CA GLN A 130 -9.48 20.88 -17.15
C GLN A 130 -8.52 19.86 -16.59
N VAL A 131 -8.00 19.00 -17.46
CA VAL A 131 -6.92 18.10 -17.08
C VAL A 131 -5.64 18.92 -16.94
N ASN A 132 -4.93 18.68 -15.85
CA ASN A 132 -3.67 19.34 -15.55
C ASN A 132 -2.59 18.29 -15.49
N GLN A 133 -1.35 18.72 -15.61
CA GLN A 133 -0.24 17.80 -15.62
C GLN A 133 0.79 18.21 -14.56
N VAL A 134 1.34 17.23 -13.87
CA VAL A 134 2.46 17.47 -12.98
C VAL A 134 3.60 16.60 -13.44
N VAL A 135 4.79 17.18 -13.54
CA VAL A 135 5.99 16.42 -13.85
C VAL A 135 7.02 16.80 -12.78
N VAL A 136 7.70 15.80 -12.25
CA VAL A 136 8.73 16.06 -11.26
C VAL A 136 10.04 15.48 -11.72
N LYS A 137 11.07 16.31 -11.77
CA LYS A 137 12.42 15.80 -11.97
C LYS A 137 13.01 15.55 -10.59
N ILE A 138 13.46 14.32 -10.36
CA ILE A 138 13.98 13.92 -9.06
C ILE A 138 15.40 13.45 -9.24
N ASN A 139 16.20 13.64 -8.19
CA ASN A 139 17.56 13.15 -8.21
C ASN A 139 17.82 12.49 -6.88
N ASN A 140 18.54 11.38 -6.89
CA ASN A 140 18.74 10.63 -5.65
C ASN A 140 20.20 10.46 -5.30
N GLU A 141 21.06 11.33 -5.84
CA GLU A 141 22.47 11.25 -5.53
C GLU A 141 22.72 11.70 -4.11
N LEU A 142 23.87 11.29 -3.59
CA LEU A 142 24.27 11.65 -2.24
C LEU A 142 25.50 12.50 -2.33
N ASN A 143 25.59 13.48 -1.43
CA ASN A 143 26.75 14.34 -1.39
C ASN A 143 27.02 14.75 0.04
N GLU A 144 27.92 15.70 0.22
CA GLU A 144 28.29 16.11 1.56
C GLU A 144 27.74 17.47 1.96
N THR A 145 26.76 17.96 1.20
CA THR A 145 26.17 19.26 1.50
C THR A 145 24.68 19.15 1.78
N SER A 146 24.16 17.93 1.80
CA SER A 146 22.75 17.70 2.07
C SER A 146 22.62 16.39 2.82
N LEU A 147 21.52 16.22 3.54
CA LEU A 147 21.33 15.07 4.42
C LEU A 147 20.35 14.07 3.81
N PRO A 148 20.61 12.77 4.00
CA PRO A 148 21.77 12.18 4.67
C PRO A 148 22.95 12.16 3.71
N CYS A 149 24.17 12.23 4.25
CA CYS A 149 25.34 12.41 3.41
C CYS A 149 25.85 11.14 2.76
N GLY A 150 26.52 11.30 1.63
CA GLY A 150 27.17 10.18 0.99
C GLY A 150 27.97 10.69 -0.19
N ALA A 151 28.31 9.77 -1.08
CA ALA A 151 29.02 10.14 -2.28
C ALA A 151 28.32 9.50 -3.46
N THR A 152 28.71 9.90 -4.66
CA THR A 152 28.19 9.33 -5.89
C THR A 152 29.33 8.85 -6.78
N LYS A 153 29.52 7.53 -6.85
CA LYS A 153 30.61 6.96 -7.59
C LYS A 153 30.23 6.90 -9.04
N ILE A 154 31.16 7.24 -9.91
CA ILE A 154 30.93 7.11 -11.33
C ILE A 154 31.73 5.94 -11.87
N LEU A 155 31.03 4.93 -12.35
CA LEU A 155 31.68 3.79 -12.97
C LEU A 155 32.22 4.23 -14.34
N ASN A 156 33.17 3.48 -14.89
CA ASN A 156 33.88 3.94 -16.09
C ASN A 156 32.97 4.27 -17.28
N ASN A 157 31.82 3.60 -17.36
CA ASN A 157 30.86 3.83 -18.44
C ASN A 157 29.94 5.02 -18.18
N GLY A 158 30.17 5.72 -17.07
CA GLY A 158 29.35 6.87 -16.72
C GLY A 158 28.21 6.55 -15.77
N ARG A 159 27.96 5.27 -15.55
CA ARG A 159 26.86 4.88 -14.68
C ARG A 159 27.14 5.29 -13.24
N LYS A 160 26.15 5.90 -12.59
CA LYS A 160 26.31 6.37 -11.21
C LYS A 160 25.87 5.31 -10.21
N LEU A 161 26.55 5.30 -9.07
CA LEU A 161 26.20 4.40 -8.00
C LEU A 161 26.22 5.20 -6.72
N ALA A 162 25.16 5.14 -5.94
CA ALA A 162 25.11 5.84 -4.67
C ALA A 162 26.02 5.15 -3.67
N LYS A 163 26.81 5.95 -2.94
CA LYS A 163 27.67 5.42 -1.89
C LYS A 163 27.29 6.07 -0.56
N PRO A 164 26.33 5.48 0.15
CA PRO A 164 25.91 6.12 1.40
C PRO A 164 26.99 6.14 2.47
N TYR A 165 26.97 7.16 3.32
CA TYR A 165 27.74 7.16 4.56
C TYR A 165 26.83 6.71 5.69
N PHE A 166 25.78 5.97 5.35
CA PHE A 166 24.81 5.53 6.33
C PHE A 166 24.39 4.10 6.02
N ASP A 167 23.86 3.42 7.04
CA ASP A 167 23.56 2.00 6.95
C ASP A 167 22.10 1.78 6.61
N PHE A 168 21.64 2.41 5.54
CA PHE A 168 20.32 2.06 4.99
C PHE A 168 20.32 2.26 3.49
N PHE A 169 19.50 1.48 2.81
CA PHE A 169 19.51 1.47 1.35
C PHE A 169 19.05 2.83 0.86
N ASN A 170 19.65 3.29 -0.23
CA ASN A 170 19.30 4.58 -0.78
C ASN A 170 18.01 4.56 -1.58
N TYR A 171 16.91 4.21 -0.91
CA TYR A 171 15.59 4.26 -1.53
C TYR A 171 15.23 5.69 -1.89
N SER A 172 14.48 5.84 -2.97
CA SER A 172 14.16 7.18 -3.44
C SER A 172 12.97 7.13 -4.35
N GLY A 173 12.52 8.30 -4.77
CA GLY A 173 11.31 8.41 -5.58
C GLY A 173 10.26 9.23 -4.85
N LEU A 174 9.00 8.96 -5.16
CA LEU A 174 7.88 9.62 -4.48
C LEU A 174 7.34 8.62 -3.48
N GLN A 175 7.91 8.65 -2.29
CA GLN A 175 7.73 7.60 -1.31
C GLN A 175 6.55 7.86 -0.40
N ARG A 176 5.91 9.01 -0.55
CA ARG A 176 4.78 9.36 0.30
C ARG A 176 3.62 9.87 -0.52
N SER A 177 2.47 10.02 0.11
CA SER A 177 1.30 10.45 -0.65
C SER A 177 1.49 11.80 -1.28
N VAL A 178 0.80 12.01 -2.39
CA VAL A 178 0.83 13.28 -3.08
C VAL A 178 -0.61 13.75 -3.21
N TRP A 179 -0.83 15.04 -2.96
CA TRP A 179 -2.16 15.63 -3.09
C TRP A 179 -2.08 16.86 -3.95
N VAL A 180 -3.20 17.18 -4.58
CA VAL A 180 -3.38 18.55 -5.04
C VAL A 180 -4.46 19.13 -4.13
N ILE A 181 -4.22 20.33 -3.64
CA ILE A 181 -5.12 20.90 -2.64
C ILE A 181 -5.49 22.33 -3.02
N ALA A 182 -6.60 22.78 -2.49
CA ALA A 182 -7.05 24.15 -2.70
C ALA A 182 -7.31 24.78 -1.34
N LEU A 183 -6.71 25.93 -1.13
CA LEU A 183 -6.86 26.65 0.12
C LEU A 183 -7.54 27.97 -0.15
N PRO A 184 -8.21 28.52 0.87
CA PRO A 184 -8.75 29.87 0.68
C PRO A 184 -7.62 30.88 0.52
N GLU A 185 -7.92 31.99 -0.13
CA GLU A 185 -6.91 32.99 -0.44
C GLU A 185 -6.26 33.56 0.81
N GLU A 186 -7.01 33.59 1.90
CA GLU A 186 -6.45 33.93 3.20
C GLU A 186 -6.61 32.68 4.03
N SER A 187 -5.49 32.09 4.45
CA SER A 187 -5.56 30.80 5.10
C SER A 187 -4.67 30.71 6.32
N VAL A 188 -4.99 29.75 7.17
CA VAL A 188 -4.11 29.39 8.28
C VAL A 188 -2.88 28.69 7.73
N LYS A 189 -1.72 29.30 7.94
CA LYS A 189 -0.47 28.78 7.40
C LYS A 189 0.29 27.93 8.41
N ASP A 190 0.21 28.31 9.68
CA ASP A 190 0.94 27.62 10.72
C ASP A 190 0.26 27.92 12.04
N TYR A 191 0.47 27.06 13.02
CA TYR A 191 0.10 27.39 14.38
C TYR A 191 0.98 26.57 15.30
N SER A 192 1.07 27.00 16.54
CA SER A 192 1.85 26.28 17.54
C SER A 192 1.07 26.27 18.82
N VAL A 193 1.14 25.14 19.52
CA VAL A 193 0.57 25.05 20.86
C VAL A 193 1.64 24.65 21.87
N ASP A 194 1.44 25.10 23.09
CA ASP A 194 2.33 24.82 24.19
C ASP A 194 1.42 24.68 25.40
N TYR A 195 1.75 23.75 26.29
CA TYR A 195 0.85 23.41 27.37
C TYR A 195 1.41 23.75 28.73
N GLU A 196 0.50 24.11 29.64
CA GLU A 196 0.86 24.27 31.03
C GLU A 196 -0.20 23.56 31.85
N LEU A 197 0.23 22.80 32.84
CA LEU A 197 -0.71 22.10 33.71
C LEU A 197 -0.95 22.92 34.96
N CYS A 198 -2.22 23.09 35.33
CA CYS A 198 -2.58 23.90 36.47
C CYS A 198 -3.59 23.15 37.34
N GLY A 199 -3.08 22.27 38.19
CA GLY A 199 -3.95 21.44 39.00
C GLY A 199 -4.73 20.49 38.12
N THR A 200 -6.05 20.55 38.22
CA THR A 200 -6.90 19.70 37.39
C THR A 200 -7.11 20.34 36.02
N ASP A 201 -6.64 21.59 35.89
CA ASP A 201 -6.86 22.34 34.66
C ASP A 201 -5.61 22.40 33.79
N ALA A 202 -5.77 22.93 32.58
CA ALA A 202 -4.63 23.11 31.70
C ALA A 202 -4.79 24.38 30.87
N LEU A 203 -3.66 24.92 30.45
CA LEU A 203 -3.65 26.04 29.54
C LEU A 203 -3.04 25.58 28.24
N VAL A 204 -3.70 25.94 27.14
CA VAL A 204 -3.13 25.71 25.83
C VAL A 204 -2.75 27.08 25.27
N LYS A 205 -1.46 27.39 25.34
CA LYS A 205 -0.95 28.63 24.79
C LYS A 205 -0.75 28.41 23.29
N TYR A 206 -1.11 29.40 22.49
CA TYR A 206 -0.99 29.19 21.05
C TYR A 206 -0.58 30.46 20.32
N GLU A 207 -0.07 30.25 19.11
CA GLU A 207 0.16 31.29 18.14
C GLU A 207 -0.35 30.76 16.82
N VAL A 208 -0.91 31.65 16.01
CA VAL A 208 -1.40 31.29 14.69
C VAL A 208 -0.78 32.24 13.66
N VAL A 209 -0.31 31.69 12.55
CA VAL A 209 0.17 32.49 11.45
C VAL A 209 -0.76 32.26 10.27
N THR A 210 -1.23 33.34 9.66
CA THR A 210 -2.12 33.22 8.51
C THR A 210 -1.54 34.01 7.37
N THR A 211 -2.17 33.92 6.20
CA THR A 211 -1.69 34.67 5.05
C THR A 211 -2.42 35.99 4.84
N GLY A 212 -3.07 36.47 5.89
CA GLY A 212 -3.78 37.74 5.81
C GLY A 212 -3.87 38.40 7.17
N GLU A 213 -4.75 39.39 7.27
CA GLU A 213 -4.82 40.19 8.47
C GLU A 213 -6.15 40.14 9.19
N HIS A 214 -7.05 39.28 8.72
CA HIS A 214 -8.35 39.17 9.39
C HIS A 214 -8.27 38.48 10.74
N PRO A 215 -9.27 38.72 11.58
CA PRO A 215 -9.32 38.15 12.93
C PRO A 215 -9.29 36.63 12.92
N VAL A 216 -8.72 36.07 13.98
CA VAL A 216 -8.64 34.64 14.17
C VAL A 216 -9.38 34.27 15.44
N ILE A 217 -10.15 33.20 15.36
CA ILE A 217 -10.83 32.64 16.52
C ILE A 217 -10.28 31.24 16.68
N VAL A 218 -9.95 30.87 17.90
CA VAL A 218 -9.44 29.53 18.15
C VAL A 218 -10.36 28.85 19.16
N ARG A 219 -10.83 27.66 18.78
CA ARG A 219 -11.68 26.88 19.64
C ARG A 219 -11.00 25.56 19.95
N LEU A 220 -11.31 25.01 21.12
CA LEU A 220 -10.84 23.67 21.45
C LEU A 220 -12.05 22.80 21.71
N LEU A 221 -12.12 21.67 21.02
CA LEU A 221 -13.19 20.72 21.24
C LEU A 221 -12.63 19.49 21.93
N ASP A 222 -13.42 18.87 22.81
CA ASP A 222 -13.00 17.60 23.39
C ASP A 222 -13.16 16.46 22.40
N ALA A 223 -12.92 15.23 22.85
CA ALA A 223 -12.92 14.09 21.96
C ALA A 223 -14.31 13.76 21.42
N GLU A 224 -15.33 14.40 21.99
CA GLU A 224 -16.71 14.17 21.56
C GLU A 224 -17.21 15.35 20.72
N GLY A 225 -16.33 16.32 20.49
CA GLY A 225 -16.67 17.47 19.67
C GLY A 225 -17.35 18.60 20.45
N GLU A 226 -17.35 18.50 21.77
CA GLU A 226 -17.92 19.55 22.60
C GLU A 226 -16.92 20.67 22.83
N LEU A 227 -17.41 21.91 22.77
CA LEU A 227 -16.56 23.06 22.97
C LEU A 227 -16.09 23.13 24.42
N VAL A 228 -14.78 23.20 24.63
CA VAL A 228 -14.28 23.34 25.99
C VAL A 228 -13.55 24.66 26.21
N ALA A 229 -13.17 25.32 25.11
CA ALA A 229 -12.49 26.61 25.24
C ALA A 229 -12.58 27.36 23.93
N GLU A 230 -12.60 28.68 24.03
CA GLU A 230 -12.63 29.52 22.84
C GLU A 230 -12.01 30.86 23.18
N THR A 231 -11.17 31.35 22.28
CA THR A 231 -10.63 32.68 22.44
C THR A 231 -10.36 33.31 21.09
N GLU A 232 -10.02 34.60 21.10
CA GLU A 232 -9.82 35.33 19.87
C GLU A 232 -8.40 35.85 19.82
N GLY A 233 -7.82 35.85 18.63
CA GLY A 233 -6.52 36.45 18.43
C GLY A 233 -5.55 35.46 17.84
N LYS A 234 -4.54 35.98 17.17
CA LYS A 234 -3.48 35.14 16.62
C LYS A 234 -2.52 34.63 17.69
N GLU A 235 -2.56 35.22 18.88
CA GLU A 235 -1.88 34.65 20.03
C GLU A 235 -2.90 34.60 21.14
N GLY A 236 -2.88 33.55 21.94
CA GLY A 236 -3.80 33.51 23.06
C GLY A 236 -3.59 32.31 23.95
N ILE A 237 -4.47 32.15 24.91
CA ILE A 237 -4.43 31.01 25.81
C ILE A 237 -5.82 30.42 25.93
N LEU A 238 -5.92 29.13 25.67
CA LEU A 238 -7.16 28.40 25.86
C LEU A 238 -7.13 27.83 27.27
N GLN A 239 -8.16 28.12 28.05
CA GLN A 239 -8.24 27.59 29.40
C GLN A 239 -9.13 26.37 29.41
N VAL A 240 -8.57 25.25 29.84
CA VAL A 240 -9.28 23.99 29.78
C VAL A 240 -9.53 23.46 31.20
N ALA A 241 -10.79 23.47 31.61
CA ALA A 241 -11.15 22.99 32.94
C ALA A 241 -11.14 21.46 32.96
N ASN A 242 -10.59 20.90 34.03
CA ASN A 242 -10.57 19.44 34.20
C ASN A 242 -10.03 18.76 32.96
N ALA A 243 -8.88 19.23 32.50
CA ALA A 243 -8.30 18.75 31.26
C ALA A 243 -8.06 17.24 31.32
N ARG A 244 -8.34 16.55 30.22
CA ARG A 244 -8.03 15.14 30.13
C ARG A 244 -6.67 15.07 29.43
N LEU A 245 -5.64 14.78 30.20
CA LEU A 245 -4.30 14.83 29.64
C LEU A 245 -4.05 13.65 28.69
N TRP A 246 -3.23 13.91 27.68
CA TRP A 246 -2.73 12.87 26.82
C TRP A 246 -1.66 12.15 27.62
N GLU A 247 -1.82 10.84 27.80
CA GLU A 247 -0.92 10.06 28.64
C GLU A 247 -0.24 8.98 27.84
N VAL A 248 0.93 8.52 28.30
CA VAL A 248 1.65 7.47 27.59
C VAL A 248 0.77 6.22 27.49
N ARG A 249 0.61 5.74 26.26
CA ARG A 249 -0.19 4.56 25.96
C ARG A 249 -1.61 4.71 26.46
N ASN A 250 -2.05 5.96 26.59
CA ASN A 250 -3.41 6.24 27.05
C ASN A 250 -3.76 7.62 26.55
N ALA A 251 -3.86 7.73 25.23
CA ALA A 251 -4.04 9.01 24.58
C ALA A 251 -5.40 9.58 24.85
N TYR A 252 -5.46 10.91 24.86
CA TYR A 252 -6.71 11.62 24.75
C TYR A 252 -6.42 12.79 23.84
N LEU A 253 -7.26 12.99 22.84
CA LEU A 253 -7.00 14.02 21.85
C LEU A 253 -8.13 15.03 21.79
N TYR A 254 -7.79 16.30 22.03
CA TYR A 254 -8.71 17.38 21.78
C TYR A 254 -8.59 17.75 20.32
N GLN A 255 -9.50 18.58 19.85
CA GLN A 255 -9.39 19.07 18.49
C GLN A 255 -9.29 20.58 18.55
N ILE A 256 -8.20 21.12 18.01
CA ILE A 256 -8.10 22.56 17.89
C ILE A 256 -8.73 22.97 16.57
N VAL A 257 -9.51 24.06 16.63
CA VAL A 257 -10.21 24.56 15.46
C VAL A 257 -9.81 26.02 15.33
N ILE A 258 -9.15 26.35 14.22
CA ILE A 258 -8.65 27.69 13.99
C ILE A 258 -9.42 28.31 12.85
N LEU A 259 -10.10 29.41 13.16
CA LEU A 259 -10.95 30.08 12.19
C LEU A 259 -10.39 31.45 11.86
N ILE A 260 -10.42 31.80 10.58
CA ILE A 260 -10.22 33.18 10.17
C ILE A 260 -11.58 33.70 9.78
N THR A 261 -11.92 34.91 10.21
CA THR A 261 -13.23 35.45 9.91
C THR A 261 -13.12 36.86 9.40
N ASP A 262 -14.08 37.24 8.58
CA ASP A 262 -14.26 38.65 8.26
C ASP A 262 -15.65 39.08 8.71
N GLY A 263 -16.08 40.26 8.30
CA GLY A 263 -17.37 40.78 8.74
C GLY A 263 -18.55 39.92 8.30
N ASN A 264 -18.33 39.06 7.31
CA ASN A 264 -19.42 38.27 6.74
C ASN A 264 -19.32 36.77 7.01
N GLY A 265 -18.31 36.37 7.77
CA GLY A 265 -18.23 34.99 8.18
C GLY A 265 -16.84 34.41 8.10
N VAL A 266 -16.79 33.09 8.14
CA VAL A 266 -15.54 32.38 8.19
C VAL A 266 -14.88 32.33 6.82
N LEU A 267 -13.57 32.60 6.80
CA LEU A 267 -12.76 32.56 5.59
C LEU A 267 -11.96 31.26 5.48
N ASP A 268 -11.56 30.72 6.62
CA ASP A 268 -10.81 29.47 6.62
C ASP A 268 -11.07 28.78 7.94
N GLU A 269 -10.95 27.46 7.92
CA GLU A 269 -11.05 26.67 9.13
C GLU A 269 -10.00 25.60 9.04
N TYR A 270 -9.10 25.58 10.02
CA TYR A 270 -8.16 24.49 10.12
C TYR A 270 -8.43 23.73 11.42
N ARG A 271 -8.39 22.41 11.34
CA ARG A 271 -8.76 21.55 12.46
C ARG A 271 -7.69 20.47 12.57
N GLU A 272 -7.24 20.20 13.79
CA GLU A 272 -6.24 19.16 13.98
C GLU A 272 -6.37 18.61 15.40
N LYS A 273 -6.15 17.31 15.55
CA LYS A 273 -6.16 16.73 16.89
C LYS A 273 -4.84 17.02 17.59
N ILE A 274 -4.93 17.45 18.83
CA ILE A 274 -3.76 17.68 19.66
C ILE A 274 -3.96 17.05 21.02
N GLY A 275 -2.87 16.86 21.77
CA GLY A 275 -2.99 16.23 23.06
C GLY A 275 -2.34 17.10 24.11
N ILE A 276 -3.04 17.36 25.20
CA ILE A 276 -2.50 18.21 26.25
C ILE A 276 -1.55 17.38 27.08
N ARG A 277 -0.27 17.70 27.00
CA ARG A 277 0.73 16.98 27.75
C ARG A 277 1.96 17.85 27.87
N THR A 278 2.70 17.68 28.96
CA THR A 278 3.97 18.37 29.09
C THR A 278 5.10 17.36 29.12
N VAL A 279 6.25 17.76 28.59
CA VAL A 279 7.45 16.95 28.70
C VAL A 279 8.57 17.85 29.20
N ARG A 280 9.27 17.38 30.23
CA ARG A 280 10.32 18.16 30.85
C ARG A 280 11.41 17.21 31.29
N ILE A 281 12.65 17.70 31.30
CA ILE A 281 13.73 16.94 31.91
C ILE A 281 14.00 17.56 33.27
N GLU A 282 14.06 16.74 34.31
CA GLU A 282 14.35 17.20 35.65
C GLU A 282 15.38 16.25 36.21
N GLY A 283 16.60 16.75 36.40
CA GLY A 283 17.71 15.88 36.77
C GLY A 283 17.80 14.76 35.75
N THR A 284 17.84 13.52 36.22
CA THR A 284 18.01 12.39 35.33
C THR A 284 16.67 11.79 34.90
N LYS A 285 15.59 12.49 35.23
CA LYS A 285 14.26 11.98 34.87
C LYS A 285 13.70 12.68 33.64
N ILE A 286 13.01 11.90 32.82
CA ILE A 286 12.14 12.45 31.78
C ILE A 286 10.74 12.47 32.35
N LEU A 287 10.15 13.65 32.41
CA LEU A 287 8.84 13.81 33.03
C LEU A 287 7.78 14.04 31.97
N LEU A 288 6.78 13.18 31.97
CA LEU A 288 5.62 13.37 31.11
C LEU A 288 4.45 13.70 32.01
N ASN A 289 3.87 14.88 31.84
CA ASN A 289 2.84 15.35 32.75
C ASN A 289 3.28 15.28 34.21
N ASP A 290 4.51 15.74 34.43
CA ASP A 290 5.09 15.83 35.78
C ASP A 290 5.44 14.48 36.43
N ARG A 291 5.33 13.40 35.69
CA ARG A 291 5.67 12.10 36.22
C ARG A 291 6.79 11.42 35.43
N PRO A 292 7.71 10.76 36.09
CA PRO A 292 8.80 10.11 35.35
C PRO A 292 8.26 9.05 34.40
N VAL A 293 8.83 9.01 33.21
CA VAL A 293 8.54 7.94 32.27
C VAL A 293 9.87 7.35 31.83
N TYR A 294 9.90 6.02 31.70
CA TYR A 294 11.07 5.31 31.22
C TYR A 294 10.76 4.88 29.80
N LEU A 295 11.58 5.30 28.83
CA LEU A 295 11.28 5.01 27.44
C LEU A 295 11.59 3.57 27.11
N LYS A 296 10.67 2.92 26.41
CA LYS A 296 10.79 1.51 26.06
C LYS A 296 10.38 1.37 24.61
N GLY A 297 11.28 0.94 23.74
CA GLY A 297 10.85 0.73 22.38
C GLY A 297 12.01 0.53 21.43
N PHE A 298 11.94 1.20 20.28
CA PHE A 298 12.84 0.88 19.18
C PHE A 298 13.18 2.07 18.33
N GLY A 299 14.32 1.98 17.68
CA GLY A 299 14.53 2.71 16.45
C GLY A 299 13.80 1.92 15.37
N LYS A 300 13.15 2.63 14.46
CA LYS A 300 12.50 1.99 13.34
C LYS A 300 13.16 2.39 12.02
N HIS A 301 12.46 2.14 10.93
CA HIS A 301 12.81 2.71 9.62
C HIS A 301 11.49 2.75 8.89
N GLU A 302 11.43 3.55 7.83
CA GLU A 302 10.34 3.39 6.89
C GLU A 302 10.85 2.40 5.86
N ASP A 303 10.46 1.14 6.03
CA ASP A 303 11.05 0.07 5.26
C ASP A 303 10.12 -1.13 5.31
N PHE A 304 9.82 -1.69 4.15
CA PHE A 304 8.88 -2.79 4.04
C PHE A 304 9.14 -3.49 2.72
N PRO A 305 8.86 -4.80 2.64
CA PRO A 305 9.17 -5.49 1.40
C PRO A 305 8.48 -4.86 0.19
N ILE A 306 9.25 -4.78 -0.91
CA ILE A 306 8.81 -4.26 -2.20
C ILE A 306 8.57 -2.75 -2.23
N LEU A 307 7.79 -2.25 -1.27
CA LEU A 307 7.46 -0.82 -1.23
C LEU A 307 8.64 0.07 -0.85
N GLY A 308 9.68 -0.53 -0.25
CA GLY A 308 10.82 0.25 0.22
C GLY A 308 10.36 1.14 1.37
N ARG A 309 10.52 2.46 1.20
CA ARG A 309 10.04 3.40 2.21
C ARG A 309 8.63 3.88 1.91
N GLY A 310 8.01 3.30 0.89
CA GLY A 310 6.68 3.72 0.50
C GLY A 310 5.71 3.68 1.65
N PHE A 311 4.96 4.76 1.81
CA PHE A 311 4.01 4.83 2.89
C PHE A 311 2.80 3.94 2.66
N HIS A 312 2.39 3.24 3.71
CA HIS A 312 1.14 2.50 3.66
C HIS A 312 0.58 2.39 5.07
N TRP A 313 -0.70 2.71 5.23
CA TRP A 313 -1.30 2.62 6.56
C TRP A 313 -1.24 1.22 7.16
N GLY A 314 -1.19 0.21 6.29
CA GLY A 314 -1.10 -1.17 6.76
C GLY A 314 0.21 -1.43 7.51
N ILE A 315 1.28 -0.80 7.04
CA ILE A 315 2.55 -0.94 7.73
C ILE A 315 2.46 -0.26 9.11
N VAL A 316 1.87 0.92 9.15
CA VAL A 316 1.62 1.59 10.41
C VAL A 316 0.81 0.69 11.34
N LYS A 317 -0.28 0.13 10.83
CA LYS A 317 -1.15 -0.67 11.68
C LYS A 317 -0.42 -1.90 12.24
N ARG A 318 0.22 -2.67 11.36
CA ARG A 318 0.94 -3.85 11.85
C ARG A 318 2.02 -3.43 12.84
N ASP A 319 2.78 -2.39 12.50
CA ASP A 319 3.91 -2.02 13.37
C ASP A 319 3.43 -1.60 14.74
N PHE A 320 2.37 -0.82 14.82
CA PHE A 320 1.85 -0.44 16.12
C PHE A 320 1.28 -1.61 16.90
N GLU A 321 0.64 -2.56 16.22
CA GLU A 321 0.16 -3.73 16.93
C GLU A 321 1.35 -4.49 17.53
N CYS A 322 2.42 -4.61 16.76
CA CYS A 322 3.64 -5.26 17.24
C CYS A 322 4.23 -4.49 18.40
N LEU A 323 4.33 -3.18 18.25
CA LEU A 323 4.87 -2.34 19.31
C LEU A 323 4.07 -2.53 20.59
N LYS A 324 2.75 -2.47 20.48
CA LYS A 324 1.93 -2.64 21.68
C LYS A 324 2.11 -4.03 22.29
N TRP A 325 2.25 -5.03 21.42
CA TRP A 325 2.45 -6.39 21.90
C TRP A 325 3.76 -6.52 22.68
N THR A 326 4.78 -5.76 22.29
CA THR A 326 6.03 -5.77 23.07
C THR A 326 5.96 -4.96 24.35
N ASN A 327 4.88 -4.20 24.53
CA ASN A 327 4.73 -3.28 25.66
C ASN A 327 5.61 -2.06 25.57
N ALA A 328 5.98 -1.73 24.34
CA ALA A 328 6.76 -0.52 24.07
C ALA A 328 5.91 0.71 24.32
N ASN A 329 6.59 1.84 24.54
CA ASN A 329 5.90 3.11 24.60
C ASN A 329 6.54 4.20 23.75
N CYS A 330 7.58 3.84 23.00
CA CYS A 330 8.36 4.88 22.33
C CYS A 330 9.07 4.37 21.08
N PHE A 331 9.17 5.21 20.07
CA PHE A 331 10.14 4.94 19.02
C PHE A 331 10.85 6.21 18.59
N ARG A 332 12.03 6.01 18.03
CA ARG A 332 12.77 7.11 17.41
C ARG A 332 12.58 6.98 15.90
N THR A 333 12.40 8.11 15.22
CA THR A 333 12.27 8.09 13.75
C THR A 333 13.65 8.02 13.12
N SER A 334 14.39 6.98 13.46
CA SER A 334 15.68 6.75 12.82
C SER A 334 15.46 6.52 11.31
N HIS A 335 16.21 7.19 10.43
CA HIS A 335 17.11 8.28 10.72
C HIS A 335 16.69 9.47 9.87
N TYR A 336 15.41 9.81 9.93
CA TYR A 336 14.83 10.86 9.11
C TYR A 336 13.40 11.01 9.58
N PRO A 337 12.82 12.19 9.37
CA PRO A 337 11.41 12.31 9.76
C PRO A 337 10.61 11.32 8.91
N TYR A 338 9.59 10.73 9.52
CA TYR A 338 8.77 9.75 8.82
C TYR A 338 7.57 10.44 8.18
N ALA A 339 6.78 9.67 7.44
CA ALA A 339 5.54 10.20 6.91
C ALA A 339 4.70 10.69 8.08
N GLU A 340 3.96 11.77 7.87
CA GLU A 340 3.19 12.42 8.93
C GLU A 340 2.24 11.46 9.61
N GLU A 341 1.72 10.52 8.82
CA GLU A 341 0.76 9.55 9.30
C GLU A 341 1.28 8.74 10.50
N TRP A 342 2.58 8.48 10.55
CA TRP A 342 3.16 7.77 11.70
C TRP A 342 2.93 8.52 13.01
N TYR A 343 3.06 9.84 12.94
CA TYR A 343 2.93 10.67 14.13
C TYR A 343 1.46 10.80 14.51
N GLN A 344 0.61 10.93 13.50
CA GLN A 344 -0.82 10.96 13.75
C GLN A 344 -1.23 9.72 14.51
N PHE A 345 -0.68 8.59 14.09
CA PHE A 345 -1.08 7.34 14.71
C PHE A 345 -0.48 7.20 16.11
N ALA A 346 0.75 7.65 16.26
CA ALA A 346 1.36 7.66 17.59
C ALA A 346 0.53 8.49 18.56
N ASP A 347 -0.04 9.59 18.04
CA ASP A 347 -0.85 10.46 18.87
C ASP A 347 -2.07 9.69 19.35
N GLU A 348 -2.63 8.87 18.47
CA GLU A 348 -3.83 8.12 18.84
C GLU A 348 -3.53 6.98 19.78
N GLU A 349 -2.34 6.39 19.63
CA GLU A 349 -1.95 5.21 20.40
C GLU A 349 -1.16 5.55 21.67
N GLY A 350 -0.90 6.83 21.88
CA GLY A 350 -0.18 7.25 23.08
C GLY A 350 1.28 6.86 23.05
N PHE A 351 1.87 6.77 21.86
CA PHE A 351 3.30 6.52 21.76
C PHE A 351 4.09 7.80 21.78
N LEU A 352 5.28 7.70 22.38
CA LEU A 352 6.23 8.79 22.47
C LEU A 352 7.20 8.67 21.31
N ILE A 353 7.49 9.81 20.69
CA ILE A 353 8.37 9.81 19.54
C ILE A 353 9.54 10.73 19.80
N ILE A 354 10.73 10.23 19.47
CA ILE A 354 11.91 11.06 19.34
C ILE A 354 12.06 11.31 17.85
N ASP A 355 11.86 12.55 17.45
CA ASP A 355 11.76 12.90 16.04
C ASP A 355 13.15 13.31 15.57
N GLU A 356 13.64 12.66 14.51
CA GLU A 356 15.04 12.76 14.15
C GLU A 356 15.25 13.32 12.75
N VAL A 357 16.11 14.34 12.68
CA VAL A 357 16.49 14.95 11.41
C VAL A 357 17.52 14.02 10.74
N PRO A 358 17.63 14.07 9.40
CA PRO A 358 18.45 13.04 8.74
C PRO A 358 19.96 13.25 8.85
N ALA A 359 20.39 13.81 9.99
CA ALA A 359 21.80 14.07 10.22
C ALA A 359 22.39 13.10 11.24
N VAL A 360 21.52 12.51 12.07
CA VAL A 360 21.97 11.58 13.11
C VAL A 360 22.59 10.24 12.67
N GLY A 361 22.04 9.63 11.63
CA GLY A 361 22.37 8.28 11.26
C GLY A 361 23.58 8.13 10.35
N MET A 362 24.28 9.23 10.12
CA MET A 362 25.49 9.21 9.30
C MET A 362 26.67 8.68 10.08
N MET A 363 27.60 8.01 9.39
CA MET A 363 28.76 7.44 10.04
C MET A 363 30.04 7.78 9.29
N ALA A 383 36.55 21.51 2.50
CA ALA A 383 36.87 22.82 1.93
C ALA A 383 35.63 23.48 1.33
N LEU A 384 34.91 24.22 2.16
CA LEU A 384 33.70 24.90 1.72
C LEU A 384 32.38 24.19 1.98
N THR A 385 32.40 22.86 1.97
CA THR A 385 31.18 22.05 2.04
C THR A 385 30.39 22.15 3.34
N VAL A 386 31.06 22.50 4.43
CA VAL A 386 30.41 22.50 5.74
C VAL A 386 29.35 23.58 5.94
N PRO A 387 29.62 24.82 5.49
CA PRO A 387 28.57 25.85 5.56
C PRO A 387 27.31 25.45 4.80
N GLU A 388 27.46 24.84 3.63
CA GLU A 388 26.29 24.41 2.87
C GLU A 388 25.58 23.28 3.59
N LEU A 389 26.36 22.35 4.14
CA LEU A 389 25.78 21.27 4.94
C LEU A 389 24.99 21.83 6.11
N LEU A 390 25.54 22.83 6.80
CA LEU A 390 24.86 23.43 7.93
C LEU A 390 23.54 24.05 7.51
N LYS A 391 23.55 24.76 6.38
CA LYS A 391 22.31 25.32 5.84
C LYS A 391 21.26 24.23 5.61
N SER A 392 21.67 23.10 5.03
CA SER A 392 20.73 22.02 4.79
C SER A 392 20.24 21.40 6.10
N HIS A 393 21.15 21.27 7.05
CA HIS A 393 20.85 20.65 8.34
C HIS A 393 19.84 21.52 9.08
N ILE A 394 20.07 22.83 9.05
CA ILE A 394 19.14 23.76 9.69
C ILE A 394 17.79 23.79 8.96
N ALA A 395 17.81 23.76 7.64
CA ALA A 395 16.55 23.77 6.90
C ALA A 395 15.72 22.54 7.22
N ASP A 396 16.35 21.37 7.28
CA ASP A 396 15.64 20.14 7.62
C ASP A 396 15.09 20.22 9.04
N THR A 397 15.87 20.83 9.93
CA THR A 397 15.46 21.01 11.32
C THR A 397 14.22 21.91 11.39
N GLU A 398 14.26 23.04 10.70
CA GLU A 398 13.13 23.96 10.65
C GLU A 398 11.88 23.29 10.08
N GLU A 399 12.05 22.55 8.99
CA GLU A 399 10.91 21.91 8.35
C GLU A 399 10.33 20.81 9.23
N MET A 400 11.22 20.01 9.82
CA MET A 400 10.75 18.93 10.67
C MET A 400 9.97 19.48 11.85
N ILE A 401 10.55 20.46 12.53
CA ILE A 401 9.91 20.99 13.73
C ILE A 401 8.61 21.71 13.39
N THR A 402 8.63 22.51 12.33
CA THR A 402 7.40 23.18 11.92
C THR A 402 6.31 22.17 11.56
N ARG A 403 6.72 21.07 10.93
CA ARG A 403 5.75 20.05 10.56
C ARG A 403 5.20 19.30 11.78
N ASP A 404 6.07 18.98 12.74
CA ASP A 404 5.75 17.97 13.73
C ASP A 404 5.47 18.47 15.14
N LYS A 405 5.68 19.76 15.37
CA LYS A 405 5.66 20.30 16.72
C LYS A 405 4.34 20.08 17.46
N ASN A 406 3.24 20.01 16.73
CA ASN A 406 1.94 19.96 17.41
C ASN A 406 1.44 18.54 17.69
N HIS A 407 2.24 17.55 17.37
CA HIS A 407 1.92 16.19 17.76
C HIS A 407 2.22 15.99 19.23
N PRO A 408 1.24 15.53 20.01
CA PRO A 408 1.58 15.28 21.42
C PRO A 408 2.63 14.16 21.53
N SER A 409 2.64 13.25 20.56
CA SER A 409 3.59 12.15 20.61
C SER A 409 5.04 12.61 20.56
N VAL A 410 5.30 13.74 19.88
CA VAL A 410 6.69 14.14 19.69
C VAL A 410 7.21 14.81 20.95
N ILE A 411 8.13 14.15 21.63
CA ILE A 411 8.60 14.62 22.92
C ILE A 411 10.05 15.07 22.91
N ALA A 412 10.74 14.89 21.79
CA ALA A 412 12.15 15.25 21.73
C ALA A 412 12.57 15.34 20.27
N TRP A 413 13.58 16.15 20.03
CA TRP A 413 14.19 16.23 18.72
C TRP A 413 15.58 15.63 18.80
N SER A 414 15.86 14.69 17.92
CA SER A 414 17.20 14.15 17.77
C SER A 414 17.88 14.86 16.60
N LEU A 415 18.94 15.61 16.90
CA LEU A 415 19.44 16.62 15.97
C LEU A 415 20.82 16.34 15.38
N PHE A 416 21.64 15.48 16.00
CA PHE A 416 23.05 15.38 15.59
C PHE A 416 23.69 14.13 16.07
N ASN A 417 24.85 13.86 15.50
CA ASN A 417 25.70 12.77 15.87
C ASN A 417 27.04 13.35 16.18
N GLU A 418 27.54 13.15 17.40
CA GLU A 418 28.78 13.79 17.87
C GLU A 418 29.92 13.23 17.12
N PRO A 419 30.78 14.10 16.59
CA PRO A 419 31.97 13.63 15.87
C PRO A 419 32.99 13.04 16.84
N GLU A 420 33.84 12.12 16.37
CA GLU A 420 34.80 11.49 17.26
C GLU A 420 35.80 12.52 17.80
N THR A 421 35.98 13.60 17.06
CA THR A 421 36.79 14.73 17.52
C THR A 421 35.99 16.03 17.37
N ILE A 422 35.91 16.80 18.47
CA ILE A 422 35.07 17.99 18.50
C ILE A 422 35.86 19.30 18.40
N THR A 423 35.99 19.81 17.17
CA THR A 423 36.65 21.10 16.96
C THR A 423 35.71 22.22 17.43
N ASP A 424 36.26 23.41 17.60
CA ASP A 424 35.46 24.57 17.96
C ASP A 424 34.49 24.84 16.81
N TYR A 425 34.95 24.54 15.60
CA TYR A 425 34.17 24.59 14.38
C TYR A 425 32.92 23.72 14.50
N ALA A 426 33.13 22.47 14.91
CA ALA A 426 32.06 21.50 15.00
C ALA A 426 31.07 21.88 16.09
N TYR A 427 31.59 22.32 17.23
CA TYR A 427 30.73 22.75 18.33
C TYR A 427 29.88 23.94 17.88
N GLU A 428 30.50 24.87 17.15
CA GLU A 428 29.80 26.03 16.63
C GLU A 428 28.72 25.61 15.64
N TYR A 429 29.05 24.61 14.84
CA TYR A 429 28.10 24.04 13.91
C TYR A 429 26.86 23.53 14.65
N PHE A 430 27.07 22.71 15.67
CA PHE A 430 25.94 22.10 16.36
C PHE A 430 25.19 23.12 17.19
N LYS A 431 25.90 24.08 17.75
CA LYS A 431 25.23 25.16 18.46
C LYS A 431 24.21 25.85 17.56
N GLU A 432 24.55 26.07 16.29
CA GLU A 432 23.64 26.72 15.37
C GLU A 432 22.39 25.85 15.12
N VAL A 433 22.60 24.55 14.99
CA VAL A 433 21.49 23.63 14.79
C VAL A 433 20.55 23.65 15.99
N PHE A 434 21.12 23.57 17.19
CA PHE A 434 20.29 23.57 18.39
C PHE A 434 19.60 24.91 18.59
N ALA A 435 20.28 25.99 18.25
CA ALA A 435 19.68 27.32 18.38
C ALA A 435 18.50 27.44 17.42
N ALA A 436 18.67 26.93 16.21
CA ALA A 436 17.59 26.91 15.23
C ALA A 436 16.41 26.09 15.73
N ALA A 437 16.70 24.92 16.30
CA ALA A 437 15.63 24.07 16.79
C ALA A 437 14.85 24.79 17.88
N GLU A 438 15.57 25.45 18.78
CA GLU A 438 14.94 26.18 19.87
C GLU A 438 14.02 27.27 19.33
N THR A 439 14.49 27.96 18.30
CA THR A 439 13.74 29.04 17.69
C THR A 439 12.43 28.53 17.10
N TYR A 440 12.48 27.36 16.49
CA TYR A 440 11.32 26.88 15.77
C TYR A 440 10.36 26.09 16.63
N ASP A 441 10.84 25.58 17.75
CA ASP A 441 9.96 24.82 18.63
C ASP A 441 9.35 25.71 19.71
N PHE A 442 8.10 26.09 19.48
CA PHE A 442 7.29 26.83 20.43
C PHE A 442 7.30 26.20 21.83
N GLN A 443 7.42 24.87 21.87
CA GLN A 443 7.41 24.16 23.16
C GLN A 443 8.79 24.01 23.80
N SER A 444 9.84 24.33 23.06
CA SER A 444 11.20 24.14 23.54
C SER A 444 11.38 22.79 24.20
N ARG A 445 10.91 21.74 23.55
CA ARG A 445 10.96 20.43 24.16
C ARG A 445 12.39 19.87 24.12
N PRO A 446 12.62 18.76 24.82
CA PRO A 446 13.98 18.22 24.94
C PRO A 446 14.66 17.99 23.58
N MET A 447 15.95 18.35 23.54
CA MET A 447 16.76 18.14 22.36
C MET A 447 17.93 17.24 22.68
N THR A 448 18.31 16.43 21.71
CA THR A 448 19.31 15.42 21.95
C THR A 448 20.06 15.07 20.67
N GLY A 449 21.00 14.14 20.80
CA GLY A 449 21.72 13.58 19.67
C GLY A 449 22.51 12.38 20.18
N ALA A 450 23.35 11.82 19.32
CA ALA A 450 24.09 10.58 19.62
C ALA A 450 25.51 10.84 20.09
N PHE A 451 25.90 10.26 21.22
CA PHE A 451 27.19 10.60 21.83
C PHE A 451 28.25 9.52 21.82
N GLU A 452 29.50 9.97 21.72
CA GLU A 452 30.69 9.11 21.69
C GLU A 452 31.07 8.57 23.07
N LYS A 453 32.00 7.63 23.08
CA LYS A 453 32.37 6.86 24.28
C LYS A 453 33.22 7.59 25.32
N ASN A 454 32.61 7.87 26.47
CA ASN A 454 33.32 8.45 27.61
C ASN A 454 32.64 8.11 28.93
N LYS A 461 32.44 18.11 23.80
CA LYS A 461 31.90 19.27 24.50
C LYS A 461 30.53 19.64 23.97
N CYS A 462 29.82 18.63 23.46
CA CYS A 462 28.52 18.83 22.87
C CYS A 462 27.36 18.43 23.79
N TYR A 463 27.61 17.60 24.79
CA TYR A 463 26.48 17.18 25.62
C TYR A 463 25.79 18.31 26.40
N PRO A 464 26.50 19.43 26.65
CA PRO A 464 25.84 20.64 27.15
C PRO A 464 24.73 21.14 26.23
N LEU A 465 24.81 20.80 24.95
CA LEU A 465 23.77 21.21 24.01
C LEU A 465 22.49 20.42 24.27
N CYS A 466 22.64 19.24 24.85
CA CYS A 466 21.51 18.31 24.93
C CYS A 466 20.81 18.36 26.28
N ASP A 467 19.52 18.08 26.24
CA ASP A 467 18.74 17.98 27.47
C ASP A 467 18.81 16.57 28.04
N PHE A 468 19.03 15.59 27.18
CA PHE A 468 19.37 14.25 27.63
C PHE A 468 20.30 13.64 26.61
N ILE A 469 21.00 12.59 27.01
CA ILE A 469 22.01 12.00 26.16
C ILE A 469 21.51 10.70 25.57
N CYS A 470 21.68 10.53 24.26
CA CYS A 470 21.40 9.24 23.65
C CYS A 470 22.71 8.53 23.35
N LEU A 471 22.76 7.25 23.67
CA LEU A 471 23.92 6.45 23.36
C LEU A 471 23.54 5.31 22.45
N ASN A 472 24.35 5.11 21.42
CA ASN A 472 24.24 3.94 20.56
C ASN A 472 25.41 3.05 20.88
N ARG A 473 25.13 1.86 21.37
CA ARG A 473 26.22 1.01 21.83
C ARG A 473 26.05 -0.43 21.39
N TYR A 474 27.18 -1.04 21.07
CA TYR A 474 27.19 -2.39 20.54
C TYR A 474 28.28 -3.22 21.23
N TYR A 475 28.38 -3.04 22.53
CA TYR A 475 29.18 -3.93 23.35
C TYR A 475 28.53 -5.31 23.28
N GLY A 476 29.24 -6.27 22.71
CA GLY A 476 28.68 -7.60 22.51
C GLY A 476 28.29 -7.83 21.07
N TRP A 477 28.49 -6.83 20.22
CA TRP A 477 28.33 -7.03 18.78
C TRP A 477 29.58 -6.56 18.04
N TYR A 478 29.74 -5.26 17.85
CA TYR A 478 30.91 -4.74 17.16
C TYR A 478 32.14 -4.73 18.05
N ILE A 479 31.92 -4.73 19.36
CA ILE A 479 32.99 -4.73 20.32
C ILE A 479 32.85 -5.95 21.22
N SER A 480 33.85 -6.82 21.20
CA SER A 480 33.88 -7.99 22.08
C SER A 480 32.63 -8.85 21.97
N GLY A 481 32.25 -9.17 20.74
CA GLY A 481 31.11 -10.03 20.53
C GLY A 481 31.42 -11.50 20.78
N GLY A 482 30.35 -12.28 20.97
CA GLY A 482 30.49 -13.73 20.95
C GLY A 482 31.22 -14.25 22.15
N PRO A 483 32.32 -14.98 21.94
CA PRO A 483 33.08 -15.53 23.06
C PRO A 483 33.61 -14.44 23.99
N GLU A 484 33.64 -13.21 23.52
CA GLU A 484 34.16 -12.12 24.34
C GLU A 484 33.07 -11.32 25.05
N ILE A 485 31.84 -11.82 25.04
CA ILE A 485 30.73 -11.05 25.60
C ILE A 485 30.91 -10.69 27.08
N GLU A 486 31.61 -11.52 27.85
CA GLU A 486 31.89 -11.16 29.23
C GLU A 486 32.79 -9.92 29.27
N GLU A 487 33.77 -9.88 28.38
CA GLU A 487 34.61 -8.71 28.25
C GLU A 487 33.78 -7.51 27.78
N ALA A 488 32.83 -7.77 26.89
CA ALA A 488 31.97 -6.69 26.38
C ALA A 488 31.21 -6.06 27.54
N GLU A 489 30.71 -6.89 28.44
CA GLU A 489 29.97 -6.38 29.58
C GLU A 489 30.87 -5.54 30.48
N GLU A 490 32.08 -6.03 30.72
CA GLU A 490 33.01 -5.27 31.54
C GLU A 490 33.35 -3.92 30.91
N LEU A 491 33.61 -3.92 29.61
CA LEU A 491 33.92 -2.69 28.90
C LEU A 491 32.75 -1.72 28.96
N PHE A 492 31.54 -2.26 28.85
CA PHE A 492 30.33 -1.46 28.88
C PHE A 492 30.20 -0.82 30.24
N ARG A 493 30.35 -1.61 31.29
CA ARG A 493 30.29 -1.09 32.66
C ARG A 493 31.40 -0.07 32.92
N ASP A 494 32.58 -0.30 32.37
CA ASP A 494 33.65 0.68 32.47
C ASP A 494 33.22 2.01 31.87
N GLU A 495 32.59 1.97 30.70
CA GLU A 495 32.15 3.23 30.10
C GLU A 495 31.06 3.87 30.94
N MET A 496 30.11 3.07 31.38
CA MET A 496 29.01 3.61 32.19
C MET A 496 29.47 4.13 33.55
N ASP A 497 30.49 3.51 34.12
CA ASP A 497 31.10 4.01 35.35
C ASP A 497 31.74 5.38 35.09
N ARG A 498 32.30 5.58 33.90
CA ARG A 498 32.89 6.87 33.56
C ARG A 498 31.80 7.91 33.42
N TRP A 499 30.69 7.54 32.79
CA TRP A 499 29.57 8.47 32.68
C TRP A 499 29.05 8.78 34.06
N LYS A 500 28.92 7.75 34.90
CA LYS A 500 28.44 7.91 36.27
C LYS A 500 29.31 8.92 37.03
N ALA A 501 30.62 8.78 36.87
CA ALA A 501 31.58 9.65 37.55
C ALA A 501 31.51 11.08 37.03
N LYS A 502 31.07 11.24 35.79
CA LYS A 502 30.89 12.59 35.23
C LYS A 502 29.73 13.32 35.90
N GLU A 503 28.79 12.55 36.46
CA GLU A 503 27.66 13.10 37.21
C GLU A 503 27.01 14.25 36.47
N LEU A 504 26.63 13.99 35.22
CA LEU A 504 26.08 15.02 34.37
C LEU A 504 24.66 15.42 34.80
N ASN A 505 24.04 14.58 35.63
CA ASN A 505 22.67 14.80 36.09
C ASN A 505 21.69 15.01 34.94
N VAL A 506 21.84 14.21 33.88
CA VAL A 506 20.88 14.16 32.81
C VAL A 506 20.45 12.72 32.55
N PRO A 507 19.27 12.55 31.97
CA PRO A 507 18.86 11.19 31.59
C PRO A 507 19.71 10.68 30.44
N PHE A 508 19.98 9.40 30.46
CA PHE A 508 20.62 8.70 29.36
C PHE A 508 19.60 7.76 28.75
N VAL A 509 19.48 7.82 27.43
CA VAL A 509 18.60 6.89 26.72
C VAL A 509 19.45 6.12 25.75
N PHE A 510 19.41 4.79 25.81
CA PHE A 510 20.06 3.99 24.78
C PHE A 510 19.18 3.98 23.56
N THR A 511 19.68 4.53 22.47
CA THR A 511 18.90 4.62 21.26
C THR A 511 19.27 3.54 20.25
N GLU A 512 20.35 2.83 20.51
CA GLU A 512 20.67 1.62 19.73
C GLU A 512 21.41 0.64 20.57
N PHE A 513 21.06 -0.63 20.39
CA PHE A 513 21.83 -1.77 20.85
C PHE A 513 21.14 -2.93 20.18
N GLY A 514 21.91 -3.88 19.70
CA GLY A 514 21.32 -4.99 18.97
C GLY A 514 22.39 -5.85 18.34
N THR A 515 21.94 -6.97 17.76
CA THR A 515 22.82 -7.92 17.12
C THR A 515 22.17 -8.37 15.83
N ASP A 516 22.95 -8.51 14.77
CA ASP A 516 22.34 -9.11 13.58
C ASP A 516 21.94 -10.52 13.94
N THR A 517 20.75 -10.87 13.53
CA THR A 517 20.17 -12.13 13.94
C THR A 517 19.40 -12.71 12.76
N MET A 518 19.83 -13.86 12.29
CA MET A 518 19.13 -14.49 11.19
C MET A 518 18.01 -15.34 11.75
N ALA A 519 16.77 -15.03 11.37
CA ALA A 519 15.65 -15.86 11.78
C ALA A 519 15.91 -17.31 11.41
N GLY A 520 15.74 -18.20 12.37
CA GLY A 520 15.94 -19.61 12.14
C GLY A 520 17.34 -20.11 12.43
N LEU A 521 18.29 -19.21 12.65
CA LEU A 521 19.62 -19.63 13.00
C LEU A 521 19.65 -19.86 14.51
N HIS A 522 19.73 -21.14 14.88
CA HIS A 522 19.75 -21.54 16.27
C HIS A 522 21.06 -22.20 16.61
N LYS A 523 21.58 -21.93 17.79
CA LYS A 523 22.77 -22.62 18.21
C LYS A 523 22.87 -22.67 19.71
N LEU A 524 23.35 -23.80 20.19
CA LEU A 524 23.57 -24.05 21.60
C LEU A 524 24.96 -24.66 21.76
N PRO A 525 25.90 -23.93 22.36
CA PRO A 525 25.70 -22.55 22.84
C PRO A 525 25.56 -21.57 21.70
N SER A 526 25.04 -20.40 22.02
CA SER A 526 24.73 -19.42 21.02
C SER A 526 25.97 -18.93 20.29
N ILE A 527 25.74 -18.43 19.08
CA ILE A 527 26.77 -17.73 18.32
C ILE A 527 26.23 -16.39 17.86
N MET A 528 27.12 -15.45 17.63
CA MET A 528 26.72 -14.24 16.92
C MET A 528 25.98 -14.63 15.67
N TRP A 529 24.85 -13.96 15.46
CA TRP A 529 23.90 -14.13 14.34
C TRP A 529 22.75 -15.07 14.68
N SER A 530 22.89 -15.84 15.76
CA SER A 530 21.80 -16.74 16.17
C SER A 530 20.73 -16.03 16.97
N GLU A 531 19.54 -16.62 16.99
CA GLU A 531 18.44 -16.08 17.76
C GLU A 531 18.75 -16.10 19.25
N GLU A 532 19.47 -17.13 19.70
CA GLU A 532 19.79 -17.24 21.12
C GLU A 532 20.77 -16.17 21.54
N TYR A 533 21.72 -15.84 20.67
CA TYR A 533 22.68 -14.81 21.01
C TYR A 533 22.00 -13.45 21.14
N GLN A 534 21.00 -13.21 20.30
CA GLN A 534 20.28 -11.95 20.38
C GLN A 534 19.65 -11.83 21.77
N LYS A 535 19.05 -12.92 22.26
CA LYS A 535 18.47 -12.92 23.60
C LYS A 535 19.53 -12.65 24.65
N GLU A 536 20.64 -13.36 24.56
CA GLU A 536 21.68 -13.24 25.58
C GLU A 536 22.32 -11.86 25.57
N TYR A 537 22.52 -11.33 24.38
CA TYR A 537 23.06 -9.99 24.24
C TYR A 537 22.14 -8.98 24.90
N LEU A 538 20.84 -9.11 24.65
CA LEU A 538 19.88 -8.18 25.24
C LEU A 538 19.88 -8.32 26.75
N GLU A 539 19.90 -9.54 27.25
CA GLU A 539 19.91 -9.73 28.71
C GLU A 539 21.13 -9.06 29.33
N MET A 540 22.27 -9.17 28.67
CA MET A 540 23.48 -8.55 29.19
C MET A 540 23.33 -7.04 29.20
N ASN A 541 22.83 -6.50 28.11
CA ASN A 541 22.62 -5.06 28.03
C ASN A 541 21.68 -4.57 29.13
N PHE A 542 20.59 -5.29 29.34
CA PHE A 542 19.65 -4.91 30.39
C PHE A 542 20.33 -4.90 31.76
N ARG A 543 21.18 -5.89 32.04
CA ARG A 543 21.86 -5.93 33.33
C ARG A 543 22.67 -4.67 33.50
N VAL A 544 23.33 -4.24 32.43
CA VAL A 544 24.11 -2.99 32.49
C VAL A 544 23.20 -1.77 32.66
N PHE A 545 22.19 -1.64 31.81
CA PHE A 545 21.29 -0.49 31.89
C PHE A 545 20.78 -0.34 33.32
N ASP A 546 20.33 -1.45 33.89
CA ASP A 546 19.69 -1.44 35.21
C ASP A 546 20.66 -1.15 36.34
N SER A 547 21.95 -1.09 36.04
CA SER A 547 22.95 -0.84 37.07
C SER A 547 23.17 0.65 37.29
N TYR A 548 22.55 1.49 36.47
CA TYR A 548 22.77 2.94 36.53
C TYR A 548 21.46 3.71 36.61
N GLU A 549 21.32 4.50 37.67
CA GLU A 549 20.08 5.21 37.93
C GLU A 549 19.74 6.16 36.80
N PHE A 550 20.76 6.74 36.18
CA PHE A 550 20.52 7.81 35.21
C PHE A 550 20.03 7.30 33.87
N VAL A 551 20.05 5.98 33.66
CA VAL A 551 19.49 5.43 32.45
C VAL A 551 17.99 5.56 32.55
N GLN A 552 17.38 6.16 31.51
CA GLN A 552 15.96 6.46 31.57
C GLN A 552 15.21 5.98 30.34
N GLY A 553 15.88 5.21 29.49
CA GLY A 553 15.21 4.72 28.31
C GLY A 553 16.06 3.74 27.53
N GLU A 554 15.39 2.86 26.81
CA GLU A 554 16.07 1.86 26.02
C GLU A 554 15.26 1.65 24.77
N LEU A 555 15.84 2.07 23.64
CA LEU A 555 15.22 1.90 22.35
C LEU A 555 16.17 1.02 21.55
N ALA A 556 15.74 -0.21 21.34
CA ALA A 556 16.58 -1.20 20.69
C ALA A 556 16.74 -0.93 19.21
N TRP A 557 17.86 -1.36 18.65
CA TRP A 557 18.09 -1.32 17.22
C TRP A 557 18.00 -2.74 16.69
N ASN A 558 17.06 -3.06 15.80
CA ASN A 558 16.03 -2.18 15.26
C ASN A 558 14.69 -2.89 15.53
N PHE A 559 13.59 -2.18 15.39
CA PHE A 559 12.28 -2.83 15.41
C PHE A 559 12.23 -3.99 14.42
N ALA A 560 12.68 -3.78 13.20
CA ALA A 560 12.55 -4.81 12.17
C ALA A 560 13.74 -4.80 11.25
N ASP A 561 14.08 -5.97 10.72
CA ASP A 561 15.12 -6.09 9.71
C ASP A 561 14.77 -5.14 8.56
N PHE A 562 15.79 -4.49 8.01
CA PHE A 562 15.55 -3.47 6.99
C PHE A 562 16.65 -3.47 5.94
N GLN A 563 16.36 -2.87 4.79
CA GLN A 563 17.29 -2.95 3.67
C GLN A 563 18.46 -1.99 3.84
N THR A 564 19.64 -2.48 3.48
CA THR A 564 20.84 -1.66 3.42
C THR A 564 21.47 -1.84 2.06
N THR A 565 22.50 -1.05 1.80
CA THR A 565 23.37 -1.31 0.65
C THR A 565 23.94 -2.72 0.79
N GLU A 566 24.14 -3.39 -0.34
CA GLU A 566 24.77 -4.72 -0.32
C GLU A 566 26.19 -4.61 0.18
N GLY A 567 26.66 -5.68 0.83
CA GLY A 567 28.04 -5.72 1.21
C GLY A 567 28.39 -6.98 1.96
N ILE A 568 29.66 -7.14 2.30
CA ILE A 568 30.10 -8.34 2.99
C ILE A 568 29.64 -8.36 4.44
N MET A 569 29.09 -7.25 4.92
CA MET A 569 28.65 -7.20 6.30
C MET A 569 27.14 -7.16 6.45
N ARG A 570 26.44 -7.22 5.32
CA ARG A 570 24.98 -7.12 5.33
C ARG A 570 24.36 -8.26 4.53
N VAL A 571 23.71 -9.17 5.25
CA VAL A 571 23.12 -10.35 4.66
C VAL A 571 21.67 -10.08 4.30
N ASP A 572 21.46 -9.54 3.10
CA ASP A 572 20.14 -9.01 2.74
C ASP A 572 19.71 -7.96 3.76
N GLY A 573 20.43 -6.86 3.78
CA GLY A 573 20.14 -5.76 4.68
C GLY A 573 20.63 -6.03 6.08
N ASN A 574 20.04 -5.30 7.01
CA ASN A 574 20.44 -5.28 8.40
C ASN A 574 19.50 -6.20 9.14
N HIS A 575 20.06 -7.16 9.88
CA HIS A 575 19.24 -8.13 10.57
C HIS A 575 19.20 -7.94 12.07
N LYS A 576 19.41 -6.70 12.51
CA LYS A 576 19.31 -6.43 13.93
C LYS A 576 17.86 -6.26 14.38
N GLY A 577 16.93 -6.47 13.45
CA GLY A 577 15.52 -6.42 13.82
C GLY A 577 15.19 -7.41 14.92
N VAL A 578 14.27 -7.01 15.79
CA VAL A 578 13.68 -7.90 16.76
C VAL A 578 12.53 -8.62 16.05
N PHE A 579 11.99 -7.96 15.03
CA PHE A 579 11.04 -8.56 14.10
C PHE A 579 11.71 -8.72 12.75
N THR A 580 11.21 -9.67 11.97
CA THR A 580 11.66 -9.82 10.60
C THR A 580 11.11 -8.66 9.78
N ARG A 581 11.58 -8.54 8.54
CA ARG A 581 11.11 -7.45 7.70
C ARG A 581 9.63 -7.56 7.41
N ASP A 582 9.09 -8.76 7.35
CA ASP A 582 7.68 -8.92 7.24
C ASP A 582 6.92 -8.98 8.54
N ARG A 583 7.59 -8.48 9.56
CA ARG A 583 6.95 -8.11 10.83
C ARG A 583 6.55 -9.30 11.68
N GLN A 584 7.42 -10.29 11.77
CA GLN A 584 7.19 -11.44 12.65
C GLN A 584 8.30 -11.51 13.69
N PRO A 585 7.97 -11.95 14.90
CA PRO A 585 8.92 -11.83 16.00
C PRO A 585 9.98 -12.93 15.99
N LYS A 586 11.24 -12.53 16.14
CA LYS A 586 12.28 -13.49 16.47
C LYS A 586 12.17 -13.85 17.94
N ALA A 587 12.97 -14.79 18.41
CA ALA A 587 12.92 -15.20 19.81
C ALA A 587 13.06 -14.01 20.76
N ALA A 588 13.93 -13.06 20.42
CA ALA A 588 14.23 -11.96 21.32
C ALA A 588 13.05 -11.01 21.53
N ALA A 589 12.05 -11.07 20.65
CA ALA A 589 10.91 -10.18 20.79
C ALA A 589 10.21 -10.44 22.12
N VAL A 590 10.16 -11.70 22.53
CA VAL A 590 9.48 -12.05 23.78
C VAL A 590 10.26 -11.54 24.98
N VAL A 591 11.58 -11.46 24.84
CA VAL A 591 12.42 -10.92 25.88
C VAL A 591 12.02 -9.46 26.17
N PHE A 592 11.84 -8.67 25.12
CA PHE A 592 11.39 -7.30 25.31
C PHE A 592 10.00 -7.27 25.91
N LYS A 593 9.10 -8.08 25.37
CA LYS A 593 7.72 -8.13 25.85
C LYS A 593 7.68 -8.36 27.35
N ASP A 594 8.39 -9.39 27.81
CA ASP A 594 8.39 -9.73 29.22
C ASP A 594 8.96 -8.61 30.09
N ARG A 595 10.05 -8.01 29.62
CA ARG A 595 10.73 -7.00 30.41
C ARG A 595 9.90 -5.73 30.49
N TRP A 596 9.29 -5.36 29.38
CA TRP A 596 8.59 -4.09 29.31
C TRP A 596 7.18 -4.15 29.88
N GLU A 597 6.68 -5.35 30.15
CA GLU A 597 5.40 -5.45 30.82
C GLU A 597 5.54 -5.04 32.28
N LEU B 2 -28.22 -5.17 -14.34
CA LEU B 2 -27.69 -4.61 -13.10
C LEU B 2 -28.33 -3.27 -12.79
N GLU B 3 -28.63 -3.03 -11.52
CA GLU B 3 -29.25 -1.78 -11.09
C GLU B 3 -28.21 -0.73 -10.73
N TYR B 4 -27.07 -0.80 -11.40
CA TYR B 4 -25.97 0.13 -11.15
C TYR B 4 -24.92 -0.10 -12.23
N SER B 5 -23.97 0.81 -12.31
CA SER B 5 -22.89 0.71 -13.28
C SER B 5 -21.66 0.04 -12.68
N GLU B 6 -21.01 -0.82 -13.47
CA GLU B 6 -19.73 -1.40 -13.09
C GLU B 6 -18.55 -0.55 -13.58
N LEU B 7 -18.83 0.52 -14.33
CA LEU B 7 -17.76 1.30 -14.94
C LEU B 7 -16.80 1.88 -13.93
N TYR B 8 -15.51 1.79 -14.24
CA TYR B 8 -14.50 2.30 -13.34
C TYR B 8 -14.65 3.80 -13.21
N PRO B 9 -14.49 4.33 -12.00
CA PRO B 9 -14.78 5.76 -11.85
C PRO B 9 -13.71 6.65 -12.46
N ILE B 10 -14.15 7.72 -13.11
CA ILE B 10 -13.24 8.71 -13.65
C ILE B 10 -13.67 10.09 -13.20
N GLN B 11 -12.78 11.05 -13.41
CA GLN B 11 -13.09 12.43 -13.06
C GLN B 11 -12.96 13.31 -14.27
N ASN B 12 -14.01 14.07 -14.54
CA ASN B 12 -14.00 15.04 -15.62
C ASN B 12 -15.04 16.10 -15.31
N GLU B 13 -15.48 16.84 -16.32
CA GLU B 13 -16.41 17.94 -16.08
C GLU B 13 -17.75 17.44 -15.55
N TYR B 14 -18.09 16.19 -15.87
CA TYR B 14 -19.43 15.66 -15.61
C TYR B 14 -19.44 14.67 -14.46
N ARG B 15 -18.30 14.04 -14.24
CA ARG B 15 -18.16 12.98 -13.24
C ARG B 15 -17.12 13.37 -12.22
N MET B 16 -17.45 13.20 -10.94
CA MET B 16 -16.51 13.55 -9.89
C MET B 16 -16.24 12.34 -9.03
N MET B 17 -15.08 12.32 -8.39
CA MET B 17 -14.75 11.21 -7.53
C MET B 17 -13.83 11.66 -6.43
N GLN B 18 -13.96 11.00 -5.30
CA GLN B 18 -13.13 11.29 -4.15
C GLN B 18 -12.77 9.97 -3.49
N SER B 19 -11.49 9.77 -3.22
CA SER B 19 -11.07 8.52 -2.62
C SER B 19 -11.43 8.48 -1.16
N LEU B 20 -11.98 7.35 -0.71
CA LEU B 20 -12.20 7.14 0.72
C LEU B 20 -11.15 6.22 1.32
N ASP B 21 -10.10 5.92 0.58
CA ASP B 21 -9.02 5.09 1.10
C ASP B 21 -8.35 5.79 2.28
N GLY B 22 -7.80 5.02 3.20
CA GLY B 22 -7.10 5.59 4.34
C GLY B 22 -7.40 4.76 5.55
N MET B 23 -7.36 5.38 6.72
CA MET B 23 -7.66 4.68 7.95
C MET B 23 -9.11 4.84 8.29
N TRP B 24 -9.84 3.74 8.29
CA TRP B 24 -11.22 3.75 8.71
C TRP B 24 -11.35 3.35 10.17
N LYS B 25 -12.54 3.54 10.72
CA LYS B 25 -12.88 3.01 12.01
C LYS B 25 -13.39 1.60 11.80
N PHE B 26 -13.18 0.73 12.78
CA PHE B 26 -13.40 -0.69 12.58
C PHE B 26 -13.77 -1.29 13.91
N GLN B 27 -14.73 -2.19 13.90
CA GLN B 27 -15.07 -2.89 15.13
C GLN B 27 -15.61 -4.29 14.87
N PHE B 28 -15.09 -5.26 15.61
CA PHE B 28 -15.61 -6.62 15.54
C PHE B 28 -16.96 -6.67 16.25
N ASP B 29 -17.83 -7.56 15.79
CA ASP B 29 -19.17 -7.67 16.34
C ASP B 29 -19.50 -9.12 16.62
N PRO B 30 -18.78 -9.72 17.57
CA PRO B 30 -18.94 -11.16 17.84
C PRO B 30 -20.35 -11.53 18.27
N GLU B 31 -21.04 -10.63 18.92
CA GLU B 31 -22.39 -10.93 19.43
C GLU B 31 -23.49 -10.59 18.41
N GLU B 32 -23.10 -10.13 17.23
CA GLU B 32 -24.07 -9.74 16.20
C GLU B 32 -25.09 -8.76 16.75
N ILE B 33 -24.60 -7.69 17.40
CA ILE B 33 -25.50 -6.71 17.99
C ILE B 33 -25.37 -5.33 17.36
N GLY B 34 -24.52 -5.20 16.35
CA GLY B 34 -24.30 -3.90 15.73
C GLY B 34 -25.57 -3.25 15.19
N LYS B 35 -26.35 -3.99 14.39
CA LYS B 35 -27.54 -3.36 13.83
C LYS B 35 -28.62 -3.22 14.89
N LYS B 36 -28.49 -3.95 15.97
CA LYS B 36 -29.42 -3.81 17.09
C LYS B 36 -29.02 -2.68 17.99
N SER B 37 -27.82 -2.13 17.82
CA SER B 37 -27.26 -1.19 18.78
C SER B 37 -26.90 0.14 18.16
N GLY B 38 -27.43 0.40 16.97
CA GLY B 38 -27.25 1.68 16.31
C GLY B 38 -25.89 1.89 15.70
N TRP B 39 -25.16 0.82 15.43
CA TRP B 39 -23.83 0.98 14.86
C TRP B 39 -23.85 1.58 13.46
N GLU B 40 -24.99 1.54 12.79
CA GLU B 40 -25.07 2.10 11.45
C GLU B 40 -24.96 3.62 11.54
N ASN B 41 -25.07 4.16 12.75
CA ASN B 41 -24.87 5.59 13.02
C ASN B 41 -23.49 5.91 13.57
N GLY B 42 -22.63 4.90 13.68
CA GLY B 42 -21.31 5.11 14.21
C GLY B 42 -20.93 3.97 15.14
N LEU B 43 -19.66 3.56 15.06
CA LEU B 43 -19.19 2.46 15.88
C LEU B 43 -18.85 2.96 17.28
N PRO B 44 -19.22 2.19 18.30
CA PRO B 44 -19.08 2.70 19.67
C PRO B 44 -17.67 2.66 20.24
N ALA B 45 -16.83 1.71 19.81
CA ALA B 45 -15.48 1.58 20.36
C ALA B 45 -14.55 1.05 19.29
N PRO B 46 -14.39 1.82 18.22
CA PRO B 46 -13.62 1.33 17.07
C PRO B 46 -12.13 1.40 17.29
N VAL B 47 -11.43 0.64 16.47
CA VAL B 47 -10.00 0.84 16.26
C VAL B 47 -9.81 1.28 14.82
N SER B 48 -8.59 1.66 14.47
CA SER B 48 -8.28 2.06 13.10
C SER B 48 -8.02 0.84 12.23
N MET B 49 -8.48 0.88 11.00
CA MET B 49 -8.23 -0.19 10.06
C MET B 49 -7.92 0.38 8.69
N PRO B 50 -6.76 0.01 8.11
CA PRO B 50 -6.42 0.48 6.77
C PRO B 50 -7.39 -0.02 5.73
N VAL B 51 -7.71 0.85 4.78
CA VAL B 51 -8.48 0.50 3.61
C VAL B 51 -7.76 1.11 2.41
N PRO B 52 -7.44 0.30 1.41
CA PRO B 52 -7.75 -1.14 1.29
C PRO B 52 -6.78 -2.03 2.05
N SER B 53 -7.31 -3.11 2.61
CA SER B 53 -6.51 -4.15 3.24
C SER B 53 -7.44 -5.26 3.68
N SER B 54 -6.90 -6.46 3.85
CA SER B 54 -7.58 -7.48 4.64
C SER B 54 -7.28 -7.15 6.08
N PHE B 55 -8.23 -7.34 6.98
CA PHE B 55 -7.94 -6.98 8.37
C PHE B 55 -7.05 -7.98 9.10
N ALA B 56 -7.03 -9.23 8.65
CA ALA B 56 -6.55 -10.32 9.51
C ALA B 56 -5.12 -10.17 10.03
N ASP B 57 -4.18 -9.78 9.17
CA ASP B 57 -2.78 -9.98 9.54
C ASP B 57 -2.16 -8.80 10.29
N PHE B 58 -2.96 -7.79 10.58
CA PHE B 58 -2.46 -6.67 11.37
C PHE B 58 -2.33 -7.06 12.83
N PHE B 59 -3.26 -7.90 13.29
CA PHE B 59 -3.41 -8.15 14.72
C PHE B 59 -2.37 -9.12 15.25
N THR B 60 -2.17 -9.11 16.57
CA THR B 60 -1.22 -10.02 17.19
C THR B 60 -1.89 -11.13 17.99
N ASP B 61 -3.20 -11.14 18.02
CA ASP B 61 -3.98 -12.17 18.73
C ASP B 61 -4.73 -13.10 17.77
N HIS B 62 -4.71 -14.40 18.06
CA HIS B 62 -5.35 -15.37 17.17
C HIS B 62 -6.81 -15.05 16.91
N LYS B 63 -7.54 -14.65 17.95
CA LYS B 63 -8.98 -14.47 17.80
C LYS B 63 -9.33 -13.31 16.89
N GLU B 64 -8.45 -12.33 16.80
CA GLU B 64 -8.66 -11.22 15.88
C GLU B 64 -8.32 -11.67 14.47
N ARG B 65 -7.18 -12.32 14.30
CA ARG B 65 -6.78 -12.78 12.98
C ARG B 65 -7.82 -13.72 12.39
N ASP B 66 -8.33 -14.61 13.22
CA ASP B 66 -9.20 -15.67 12.76
C ASP B 66 -10.66 -15.29 12.88
N TYR B 67 -10.93 -14.01 13.14
CA TYR B 67 -12.29 -13.57 13.38
C TYR B 67 -13.21 -13.97 12.24
N CYS B 68 -14.36 -14.54 12.60
CA CYS B 68 -15.35 -14.93 11.62
C CYS B 68 -16.71 -14.50 12.13
N GLY B 69 -17.46 -13.79 11.28
CA GLY B 69 -18.76 -13.28 11.67
C GLY B 69 -18.97 -11.87 11.16
N ASP B 70 -19.71 -11.08 11.93
CA ASP B 70 -20.00 -9.70 11.58
C ASP B 70 -18.92 -8.77 12.09
N PHE B 71 -18.54 -7.80 11.26
CA PHE B 71 -17.59 -6.78 11.69
C PHE B 71 -17.87 -5.55 10.86
N TRP B 72 -17.46 -4.40 11.37
CA TRP B 72 -17.98 -3.15 10.85
C TRP B 72 -16.87 -2.18 10.51
N TYR B 73 -17.12 -1.38 9.47
CA TYR B 73 -16.21 -0.32 9.07
C TYR B 73 -16.99 0.98 9.07
N GLU B 74 -16.30 2.07 9.38
CA GLU B 74 -16.92 3.39 9.34
C GLU B 74 -15.91 4.42 8.89
N THR B 75 -16.34 5.37 8.06
CA THR B 75 -15.52 6.55 7.90
C THR B 75 -16.40 7.75 7.66
N GLU B 76 -15.80 8.93 7.76
CA GLU B 76 -16.49 10.16 7.47
C GLU B 76 -15.78 10.82 6.31
N PHE B 77 -16.51 11.60 5.53
CA PHE B 77 -15.92 12.27 4.39
C PHE B 77 -16.70 13.53 4.15
N TYR B 78 -16.01 14.55 3.68
CA TYR B 78 -16.67 15.79 3.34
C TYR B 78 -17.07 15.76 1.87
N LEU B 79 -18.33 16.03 1.59
CA LEU B 79 -18.83 16.05 0.21
C LEU B 79 -18.88 17.49 -0.28
N PRO B 80 -18.19 17.78 -1.39
CA PRO B 80 -18.23 19.14 -1.94
C PRO B 80 -19.67 19.56 -2.24
N ALA B 81 -19.99 20.81 -1.93
CA ALA B 81 -21.31 21.33 -2.16
C ALA B 81 -21.72 21.19 -3.63
N GLU B 82 -20.74 21.26 -4.54
CA GLU B 82 -21.07 21.26 -5.96
C GLU B 82 -21.57 19.91 -6.44
N TRP B 83 -21.49 18.89 -5.59
CA TRP B 83 -22.05 17.58 -5.95
C TRP B 83 -23.57 17.54 -5.78
N ARG B 84 -24.14 18.63 -5.27
CA ARG B 84 -25.58 18.65 -4.97
C ARG B 84 -26.46 18.24 -6.14
N ASN B 85 -27.45 17.41 -5.85
CA ASN B 85 -28.45 16.96 -6.82
C ASN B 85 -27.91 16.11 -7.96
N LYS B 86 -26.65 15.70 -7.86
CA LYS B 86 -26.10 14.74 -8.82
C LYS B 86 -26.45 13.35 -8.34
N LYS B 87 -26.20 12.35 -9.18
CA LYS B 87 -26.34 10.98 -8.74
C LYS B 87 -25.08 10.63 -7.98
N ILE B 88 -25.20 10.48 -6.67
CA ILE B 88 -24.03 10.27 -5.83
C ILE B 88 -24.00 8.82 -5.34
N TRP B 89 -22.86 8.17 -5.55
CA TRP B 89 -22.71 6.76 -5.23
C TRP B 89 -21.48 6.53 -4.37
N LEU B 90 -21.60 5.60 -3.42
CA LEU B 90 -20.42 4.98 -2.82
C LEU B 90 -20.06 3.81 -3.72
N ARG B 91 -18.78 3.69 -4.04
CA ARG B 91 -18.32 2.57 -4.85
C ARG B 91 -17.22 1.86 -4.10
N PHE B 92 -17.47 0.62 -3.74
CA PHE B 92 -16.46 -0.22 -3.13
C PHE B 92 -15.88 -1.16 -4.17
N GLY B 93 -14.56 -1.24 -4.28
CA GLY B 93 -13.96 -2.22 -5.18
C GLY B 93 -14.50 -3.60 -4.87
N SER B 94 -14.68 -3.88 -3.58
CA SER B 94 -15.33 -5.09 -3.14
C SER B 94 -15.65 -4.92 -1.66
N ILE B 95 -16.49 -5.81 -1.15
CA ILE B 95 -16.79 -5.90 0.28
C ILE B 95 -16.80 -7.39 0.54
N THR B 96 -15.86 -7.87 1.33
CA THR B 96 -15.64 -9.31 1.42
C THR B 96 -16.09 -9.87 2.76
N HIS B 97 -17.06 -10.80 2.79
CA HIS B 97 -17.68 -11.43 1.62
C HIS B 97 -19.02 -10.85 1.26
N ARG B 98 -19.70 -10.28 2.25
CA ARG B 98 -21.05 -9.77 2.06
C ARG B 98 -21.24 -8.65 3.04
N GLY B 99 -22.17 -7.76 2.74
CA GLY B 99 -22.32 -6.65 3.65
C GLY B 99 -23.49 -5.77 3.31
N THR B 100 -23.75 -4.85 4.21
CA THR B 100 -24.79 -3.86 4.00
C THR B 100 -24.14 -2.51 4.20
N VAL B 101 -24.39 -1.61 3.26
CA VAL B 101 -23.81 -0.28 3.26
C VAL B 101 -24.84 0.69 3.81
N TYR B 102 -24.42 1.47 4.80
CA TYR B 102 -25.23 2.53 5.37
C TYR B 102 -24.56 3.85 5.08
N CYS B 103 -25.37 4.89 4.92
CA CYS B 103 -24.80 6.21 4.74
C CYS B 103 -25.69 7.19 5.47
N ASN B 104 -25.08 7.98 6.34
CA ASN B 104 -25.81 8.92 7.17
C ASN B 104 -26.97 8.25 7.89
N GLY B 105 -26.70 7.03 8.36
CA GLY B 105 -27.65 6.31 9.18
C GLY B 105 -28.69 5.52 8.40
N MET B 106 -28.66 5.59 7.08
CA MET B 106 -29.68 5.00 6.24
C MET B 106 -29.15 3.77 5.53
N GLU B 107 -29.92 2.68 5.54
CA GLU B 107 -29.53 1.49 4.80
C GLU B 107 -29.61 1.78 3.31
N ILE B 108 -28.53 1.52 2.57
CA ILE B 108 -28.53 1.85 1.15
C ILE B 108 -28.65 0.62 0.28
N THR B 109 -27.74 -0.33 0.47
CA THR B 109 -27.77 -1.54 -0.33
C THR B 109 -27.04 -2.65 0.39
N SER B 110 -27.21 -3.87 -0.10
CA SER B 110 -26.48 -5.02 0.40
C SER B 110 -25.93 -5.75 -0.79
N HIS B 111 -24.89 -6.54 -0.56
CA HIS B 111 -24.29 -7.29 -1.65
C HIS B 111 -23.69 -8.55 -1.07
N GLU B 112 -23.83 -9.64 -1.81
CA GLU B 112 -23.14 -10.87 -1.45
C GLU B 112 -22.22 -11.24 -2.60
N GLY B 113 -20.98 -11.58 -2.27
CA GLY B 113 -19.95 -11.83 -3.26
C GLY B 113 -18.81 -10.87 -2.99
N GLY B 114 -17.67 -11.40 -2.55
CA GLY B 114 -16.65 -10.57 -1.94
C GLY B 114 -15.56 -10.07 -2.86
N PHE B 115 -15.76 -10.18 -4.18
CA PHE B 115 -14.66 -9.93 -5.10
C PHE B 115 -15.01 -9.07 -6.30
N LEU B 116 -16.15 -8.39 -6.19
CA LEU B 116 -16.63 -7.53 -7.26
C LEU B 116 -17.23 -6.26 -6.67
N PRO B 117 -17.30 -5.19 -7.48
CA PRO B 117 -17.70 -3.88 -6.94
C PRO B 117 -19.09 -3.88 -6.33
N VAL B 118 -19.23 -3.05 -5.30
CA VAL B 118 -20.51 -2.81 -4.68
C VAL B 118 -20.82 -1.33 -4.85
N LEU B 119 -21.98 -1.05 -5.44
CA LEU B 119 -22.39 0.32 -5.72
C LEU B 119 -23.59 0.63 -4.86
N ALA B 120 -23.50 1.74 -4.13
CA ALA B 120 -24.56 2.14 -3.21
C ALA B 120 -25.00 3.53 -3.59
N ASP B 121 -26.26 3.67 -4.00
CA ASP B 121 -26.77 4.97 -4.43
C ASP B 121 -27.19 5.79 -3.23
N ILE B 122 -26.37 6.78 -2.89
CA ILE B 122 -26.66 7.65 -1.74
C ILE B 122 -27.22 9.00 -2.17
N SER B 123 -27.77 9.08 -3.37
CA SER B 123 -28.25 10.35 -3.90
C SER B 123 -29.25 11.05 -2.99
N THR B 124 -30.13 10.27 -2.36
CA THR B 124 -31.20 10.85 -1.56
C THR B 124 -30.79 11.10 -0.12
N VAL B 125 -29.67 10.52 0.32
CA VAL B 125 -29.25 10.68 1.70
C VAL B 125 -27.96 11.48 1.85
N ALA B 126 -27.28 11.71 0.74
CA ALA B 126 -26.03 12.46 0.75
C ALA B 126 -26.27 13.88 1.25
N LYS B 127 -25.26 14.43 1.93
CA LYS B 127 -25.32 15.79 2.45
C LYS B 127 -24.21 16.62 1.84
N PRO B 128 -24.50 17.27 0.70
CA PRO B 128 -23.47 18.07 0.03
C PRO B 128 -23.05 19.25 0.89
N GLY B 129 -21.76 19.56 0.88
CA GLY B 129 -21.25 20.70 1.64
C GLY B 129 -21.22 20.39 3.13
N GLN B 130 -21.23 19.11 3.46
CA GLN B 130 -21.24 18.67 4.86
C GLN B 130 -20.42 17.42 5.03
N VAL B 131 -20.12 17.11 6.29
CA VAL B 131 -19.51 15.83 6.60
C VAL B 131 -20.56 14.74 6.50
N ASN B 132 -20.19 13.64 5.84
CA ASN B 132 -21.06 12.49 5.67
C ASN B 132 -20.39 11.30 6.32
N GLN B 133 -21.20 10.30 6.61
CA GLN B 133 -20.71 9.10 7.25
C GLN B 133 -21.09 7.89 6.43
N VAL B 134 -20.15 6.97 6.27
CA VAL B 134 -20.47 5.66 5.70
C VAL B 134 -20.15 4.62 6.75
N VAL B 135 -21.07 3.69 6.95
CA VAL B 135 -20.83 2.55 7.81
C VAL B 135 -21.17 1.30 7.03
N VAL B 136 -20.32 0.29 7.13
CA VAL B 136 -20.54 -0.96 6.43
C VAL B 136 -20.54 -2.09 7.44
N LYS B 137 -21.63 -2.85 7.46
CA LYS B 137 -21.65 -4.10 8.19
C LYS B 137 -21.18 -5.18 7.22
N ILE B 138 -20.14 -5.89 7.59
CA ILE B 138 -19.59 -6.91 6.73
C ILE B 138 -19.63 -8.24 7.46
N ASN B 139 -19.73 -9.32 6.70
CA ASN B 139 -19.70 -10.65 7.28
C ASN B 139 -18.79 -11.51 6.41
N ASN B 140 -17.99 -12.36 7.04
CA ASN B 140 -17.03 -13.15 6.28
C ASN B 140 -17.23 -14.63 6.48
N GLU B 141 -18.43 -15.02 6.87
CA GLU B 141 -18.71 -16.43 7.06
C GLU B 141 -18.76 -17.14 5.72
N LEU B 142 -18.58 -18.45 5.76
CA LEU B 142 -18.64 -19.24 4.56
C LEU B 142 -19.82 -20.18 4.64
N ASN B 143 -20.49 -20.38 3.52
CA ASN B 143 -21.63 -21.27 3.47
C ASN B 143 -21.71 -21.94 2.11
N GLU B 144 -22.82 -22.63 1.86
CA GLU B 144 -22.95 -23.39 0.63
C GLU B 144 -23.93 -22.77 -0.36
N THR B 145 -24.26 -21.50 -0.15
CA THR B 145 -25.19 -20.80 -1.02
C THR B 145 -24.56 -19.56 -1.64
N SER B 146 -23.27 -19.34 -1.36
CA SER B 146 -22.53 -18.23 -1.94
C SER B 146 -21.09 -18.67 -2.18
N LEU B 147 -20.38 -17.93 -3.04
CA LEU B 147 -19.03 -18.28 -3.44
C LEU B 147 -18.01 -17.36 -2.81
N PRO B 148 -16.85 -17.89 -2.44
CA PRO B 148 -16.48 -19.32 -2.49
C PRO B 148 -17.10 -20.03 -1.30
N CYS B 149 -17.38 -21.32 -1.46
CA CYS B 149 -18.15 -22.06 -0.46
C CYS B 149 -17.31 -22.56 0.71
N GLY B 150 -17.97 -22.74 1.84
CA GLY B 150 -17.33 -23.33 2.99
C GLY B 150 -18.35 -23.54 4.08
N ALA B 151 -17.85 -23.76 5.29
CA ALA B 151 -18.72 -23.89 6.42
C ALA B 151 -18.28 -22.92 7.49
N THR B 152 -19.12 -22.75 8.49
CA THR B 152 -18.76 -21.94 9.64
C THR B 152 -18.91 -22.83 10.85
N LYS B 153 -17.81 -23.03 11.56
CA LYS B 153 -17.80 -23.85 12.76
C LYS B 153 -18.01 -22.96 13.98
N ILE B 154 -18.80 -23.43 14.92
CA ILE B 154 -18.98 -22.73 16.19
C ILE B 154 -18.25 -23.47 17.28
N LEU B 155 -17.25 -22.84 17.87
CA LEU B 155 -16.59 -23.45 19.00
C LEU B 155 -17.53 -23.35 20.18
N ASN B 156 -17.48 -24.29 21.12
CA ASN B 156 -18.38 -24.28 22.27
C ASN B 156 -18.53 -22.89 22.87
N ASN B 157 -17.53 -22.05 22.60
CA ASN B 157 -17.44 -20.67 23.05
C ASN B 157 -18.52 -19.75 22.50
N GLY B 158 -19.08 -20.11 21.35
CA GLY B 158 -19.88 -19.19 20.55
C GLY B 158 -19.01 -18.53 19.49
N ARG B 159 -17.70 -18.72 19.58
CA ARG B 159 -16.76 -18.14 18.63
C ARG B 159 -16.82 -18.87 17.29
N LYS B 160 -16.95 -18.12 16.21
CA LYS B 160 -17.04 -18.71 14.88
C LYS B 160 -15.67 -18.88 14.24
N LEU B 161 -15.53 -19.95 13.47
CA LEU B 161 -14.31 -20.15 12.72
C LEU B 161 -14.70 -20.52 11.30
N ALA B 162 -14.10 -19.84 10.33
CA ALA B 162 -14.34 -20.16 8.93
C ALA B 162 -13.71 -21.50 8.58
N LYS B 163 -14.45 -22.33 7.86
CA LYS B 163 -13.92 -23.61 7.39
C LYS B 163 -14.04 -23.65 5.87
N PRO B 164 -13.02 -23.14 5.17
CA PRO B 164 -13.13 -23.08 3.72
C PRO B 164 -13.21 -24.45 3.05
N TYR B 165 -13.87 -24.52 1.90
CA TYR B 165 -13.75 -25.68 1.03
C TYR B 165 -12.76 -25.34 -0.07
N PHE B 166 -11.85 -24.43 0.23
CA PHE B 166 -10.88 -23.95 -0.75
C PHE B 166 -9.56 -23.71 -0.05
N ASP B 167 -8.49 -23.75 -0.84
CA ASP B 167 -7.12 -23.72 -0.35
C ASP B 167 -6.56 -22.30 -0.36
N PHE B 168 -7.30 -21.37 0.22
CA PHE B 168 -6.74 -20.04 0.44
C PHE B 168 -7.33 -19.46 1.70
N PHE B 169 -6.56 -18.61 2.38
CA PHE B 169 -6.96 -18.10 3.67
C PHE B 169 -8.18 -17.23 3.48
N ASN B 170 -9.08 -17.26 4.47
CA ASN B 170 -10.31 -16.51 4.36
C ASN B 170 -10.12 -15.04 4.72
N TYR B 171 -9.28 -14.35 3.94
CA TYR B 171 -9.10 -12.92 4.09
C TYR B 171 -10.40 -12.19 3.80
N SER B 172 -10.64 -11.09 4.50
CA SER B 172 -11.88 -10.36 4.31
C SER B 172 -11.74 -8.93 4.80
N GLY B 173 -12.80 -8.16 4.62
CA GLY B 173 -12.81 -6.75 4.98
C GLY B 173 -13.01 -5.90 3.75
N LEU B 174 -12.48 -4.68 3.78
CA LEU B 174 -12.52 -3.79 2.63
C LEU B 174 -11.17 -3.84 1.96
N GLN B 175 -11.03 -4.81 1.05
CA GLN B 175 -9.75 -5.18 0.49
C GLN B 175 -9.35 -4.38 -0.73
N ARG B 176 -10.25 -3.53 -1.19
CA ARG B 176 -10.00 -2.73 -2.38
C ARG B 176 -10.39 -1.29 -2.14
N SER B 177 -10.02 -0.43 -3.08
CA SER B 177 -10.26 0.99 -2.92
C SER B 177 -11.75 1.29 -2.81
N VAL B 178 -12.04 2.40 -2.15
CA VAL B 178 -13.41 2.83 -1.98
C VAL B 178 -13.47 4.27 -2.43
N TRP B 179 -14.52 4.60 -3.18
CA TRP B 179 -14.69 5.96 -3.67
C TRP B 179 -16.07 6.45 -3.31
N VAL B 180 -16.22 7.76 -3.25
CA VAL B 180 -17.55 8.33 -3.38
C VAL B 180 -17.50 9.11 -4.69
N ILE B 181 -18.54 8.96 -5.50
CA ILE B 181 -18.53 9.57 -6.83
C ILE B 181 -19.83 10.28 -7.10
N ALA B 182 -19.79 11.21 -8.05
CA ALA B 182 -20.96 11.93 -8.48
C ALA B 182 -21.09 11.84 -10.00
N LEU B 183 -22.26 11.42 -10.46
CA LEU B 183 -22.52 11.23 -11.87
C LEU B 183 -23.63 12.19 -12.28
N PRO B 184 -23.68 12.53 -13.57
CA PRO B 184 -24.82 13.32 -14.03
C PRO B 184 -26.13 12.52 -13.94
N GLU B 185 -27.25 13.22 -13.88
CA GLU B 185 -28.54 12.56 -13.74
C GLU B 185 -28.82 11.61 -14.90
N GLU B 186 -28.35 11.97 -16.09
CA GLU B 186 -28.35 11.06 -17.22
C GLU B 186 -26.90 10.70 -17.54
N SER B 187 -26.56 9.42 -17.42
CA SER B 187 -25.17 9.04 -17.55
C SER B 187 -24.98 7.75 -18.34
N VAL B 188 -23.75 7.53 -18.78
CA VAL B 188 -23.36 6.28 -19.38
C VAL B 188 -23.23 5.24 -18.29
N LYS B 189 -24.06 4.20 -18.36
CA LYS B 189 -24.13 3.19 -17.33
C LYS B 189 -23.29 1.98 -17.71
N ASP B 190 -23.22 1.70 -19.01
CA ASP B 190 -22.48 0.55 -19.47
C ASP B 190 -22.15 0.78 -20.94
N TYR B 191 -21.14 0.08 -21.41
CA TYR B 191 -20.93 -0.03 -22.84
C TYR B 191 -20.17 -1.33 -23.09
N SER B 192 -20.21 -1.78 -24.34
CA SER B 192 -19.52 -3.01 -24.71
C SER B 192 -18.87 -2.78 -26.05
N VAL B 193 -17.67 -3.33 -26.22
CA VAL B 193 -17.01 -3.29 -27.51
C VAL B 193 -16.67 -4.71 -27.95
N ASP B 194 -16.65 -4.90 -29.26
CA ASP B 194 -16.27 -6.18 -29.85
C ASP B 194 -15.52 -5.82 -31.12
N TYR B 195 -14.61 -6.68 -31.55
CA TYR B 195 -13.70 -6.31 -32.62
C TYR B 195 -13.78 -7.24 -33.81
N GLU B 196 -13.59 -6.67 -34.99
CA GLU B 196 -13.38 -7.48 -36.18
C GLU B 196 -12.18 -6.93 -36.93
N LEU B 197 -11.31 -7.82 -37.40
CA LEU B 197 -10.15 -7.42 -38.18
C LEU B 197 -10.46 -7.51 -39.66
N CYS B 198 -10.09 -6.47 -40.40
CA CYS B 198 -10.36 -6.41 -41.84
C CYS B 198 -9.09 -5.97 -42.55
N GLY B 199 -8.21 -6.93 -42.86
CA GLY B 199 -6.93 -6.61 -43.45
C GLY B 199 -6.13 -5.71 -42.53
N THR B 200 -5.80 -4.52 -43.01
CA THR B 200 -5.05 -3.57 -42.21
C THR B 200 -5.97 -2.71 -41.35
N ASP B 201 -7.28 -2.87 -41.53
CA ASP B 201 -8.24 -2.07 -40.78
C ASP B 201 -8.93 -2.92 -39.72
N ALA B 202 -9.67 -2.25 -38.84
CA ALA B 202 -10.41 -2.96 -37.82
C ALA B 202 -11.75 -2.28 -37.60
N LEU B 203 -12.71 -3.06 -37.12
CA LEU B 203 -14.01 -2.51 -36.78
C LEU B 203 -14.18 -2.65 -35.29
N VAL B 204 -14.58 -1.57 -34.64
CA VAL B 204 -14.94 -1.65 -33.23
C VAL B 204 -16.45 -1.54 -33.15
N LYS B 205 -17.09 -2.68 -32.92
CA LYS B 205 -18.53 -2.73 -32.77
C LYS B 205 -18.82 -2.36 -31.33
N TYR B 206 -19.85 -1.54 -31.10
CA TYR B 206 -20.12 -1.12 -29.73
C TYR B 206 -21.62 -1.01 -29.43
N GLU B 207 -21.93 -1.08 -28.14
CA GLU B 207 -23.26 -0.76 -27.65
C GLU B 207 -23.07 0.08 -26.40
N VAL B 208 -23.92 1.08 -26.22
CA VAL B 208 -23.89 1.94 -25.05
C VAL B 208 -25.24 1.89 -24.36
N VAL B 209 -25.22 1.77 -23.05
CA VAL B 209 -26.43 1.85 -22.25
C VAL B 209 -26.31 3.10 -21.40
N THR B 210 -27.30 3.98 -21.51
CA THR B 210 -27.35 5.16 -20.65
C THR B 210 -28.61 5.12 -19.80
N THR B 211 -28.70 6.07 -18.87
CA THR B 211 -29.88 6.16 -18.03
C THR B 211 -30.90 7.17 -18.57
N GLY B 212 -30.79 7.51 -19.85
CA GLY B 212 -31.73 8.45 -20.46
C GLY B 212 -31.92 8.22 -21.94
N GLU B 213 -32.56 9.18 -22.59
CA GLU B 213 -32.91 9.03 -24.00
C GLU B 213 -32.16 9.99 -24.89
N HIS B 214 -31.28 10.80 -24.32
CA HIS B 214 -30.53 11.75 -25.14
C HIS B 214 -29.53 11.06 -26.06
N PRO B 215 -29.18 11.72 -27.17
CA PRO B 215 -28.30 11.15 -28.19
C PRO B 215 -26.93 10.83 -27.64
N VAL B 216 -26.30 9.81 -28.22
CA VAL B 216 -24.97 9.41 -27.83
C VAL B 216 -24.03 9.55 -29.03
N ILE B 217 -22.85 10.08 -28.75
CA ILE B 217 -21.78 10.14 -29.73
C ILE B 217 -20.63 9.32 -29.18
N VAL B 218 -19.99 8.53 -30.03
CA VAL B 218 -18.86 7.73 -29.61
C VAL B 218 -17.66 8.06 -30.46
N ARG B 219 -16.55 8.35 -29.80
CA ARG B 219 -15.30 8.66 -30.50
C ARG B 219 -14.24 7.66 -30.09
N LEU B 220 -13.30 7.42 -31.00
CA LEU B 220 -12.13 6.63 -30.68
C LEU B 220 -10.89 7.47 -30.91
N LEU B 221 -10.05 7.57 -29.88
CA LEU B 221 -8.78 8.28 -29.99
C LEU B 221 -7.66 7.27 -29.99
N ASP B 222 -6.58 7.58 -30.70
CA ASP B 222 -5.40 6.72 -30.64
C ASP B 222 -4.58 7.01 -29.39
N ALA B 223 -3.41 6.40 -29.30
CA ALA B 223 -2.57 6.52 -28.12
C ALA B 223 -2.09 7.94 -27.84
N GLU B 224 -2.15 8.82 -28.83
CA GLU B 224 -1.82 10.23 -28.60
C GLU B 224 -2.99 11.12 -28.46
N GLY B 225 -4.18 10.54 -28.40
CA GLY B 225 -5.38 11.33 -28.25
C GLY B 225 -5.91 11.92 -29.54
N GLU B 226 -5.41 11.43 -30.67
CA GLU B 226 -5.90 11.86 -31.98
C GLU B 226 -7.16 11.08 -32.36
N LEU B 227 -8.14 11.79 -32.92
CA LEU B 227 -9.39 11.18 -33.33
C LEU B 227 -9.16 10.26 -34.52
N VAL B 228 -9.57 9.01 -34.40
CA VAL B 228 -9.45 8.08 -35.52
C VAL B 228 -10.81 7.60 -36.03
N ALA B 229 -11.84 7.77 -35.22
CA ALA B 229 -13.17 7.36 -35.62
C ALA B 229 -14.22 8.05 -34.78
N GLU B 230 -15.39 8.28 -35.35
CA GLU B 230 -16.49 8.89 -34.62
C GLU B 230 -17.79 8.45 -35.24
N THR B 231 -18.75 8.08 -34.39
CA THR B 231 -20.06 7.69 -34.87
C THR B 231 -21.11 8.16 -33.88
N GLU B 232 -22.37 8.11 -34.32
CA GLU B 232 -23.48 8.55 -33.49
C GLU B 232 -24.41 7.37 -33.25
N GLY B 233 -24.93 7.28 -32.04
CA GLY B 233 -25.89 6.24 -31.70
C GLY B 233 -25.45 5.38 -30.55
N LYS B 234 -26.41 4.79 -29.86
CA LYS B 234 -26.11 3.88 -28.76
C LYS B 234 -25.59 2.51 -29.24
N GLU B 235 -25.69 2.26 -30.54
CA GLU B 235 -25.15 1.04 -31.13
C GLU B 235 -24.58 1.37 -32.50
N GLY B 236 -23.30 1.06 -32.72
CA GLY B 236 -22.68 1.44 -33.97
C GLY B 236 -21.37 0.73 -34.18
N ILE B 237 -20.67 1.16 -35.22
CA ILE B 237 -19.38 0.59 -35.55
C ILE B 237 -18.40 1.72 -35.79
N LEU B 238 -17.25 1.62 -35.15
CA LEU B 238 -16.17 2.55 -35.38
C LEU B 238 -15.22 1.89 -36.36
N GLN B 239 -14.98 2.54 -37.50
CA GLN B 239 -14.06 2.01 -38.49
C GLN B 239 -12.67 2.61 -38.26
N VAL B 240 -11.68 1.75 -38.05
CA VAL B 240 -10.33 2.20 -37.75
C VAL B 240 -9.34 1.82 -38.86
N ALA B 241 -8.92 2.83 -39.62
CA ALA B 241 -7.96 2.63 -40.69
C ALA B 241 -6.58 2.30 -40.12
N ASN B 242 -5.92 1.30 -40.70
CA ASN B 242 -4.56 0.94 -40.31
C ASN B 242 -4.47 0.76 -38.80
N ALA B 243 -5.40 -0.02 -38.27
CA ALA B 243 -5.52 -0.19 -36.83
C ALA B 243 -4.24 -0.72 -36.23
N ARG B 244 -3.84 -0.16 -35.09
CA ARG B 244 -2.71 -0.66 -34.34
C ARG B 244 -3.26 -1.65 -33.33
N LEU B 245 -3.08 -2.93 -33.61
CA LEU B 245 -3.67 -3.98 -32.79
C LEU B 245 -2.99 -4.11 -31.46
N TRP B 246 -3.79 -4.44 -30.45
CA TRP B 246 -3.27 -4.82 -29.15
C TRP B 246 -2.71 -6.22 -29.33
N GLU B 247 -1.42 -6.39 -29.06
CA GLU B 247 -0.75 -7.67 -29.28
C GLU B 247 -0.21 -8.20 -27.98
N VAL B 248 -0.03 -9.52 -27.93
CA VAL B 248 0.49 -10.17 -26.74
C VAL B 248 1.87 -9.60 -26.39
N ARG B 249 1.99 -9.12 -25.15
CA ARG B 249 3.22 -8.52 -24.64
C ARG B 249 3.66 -7.34 -25.51
N ASN B 250 2.70 -6.74 -26.20
CA ASN B 250 2.99 -5.61 -27.06
C ASN B 250 1.71 -4.82 -27.25
N ALA B 251 1.27 -4.22 -26.16
CA ALA B 251 -0.02 -3.57 -26.10
C ALA B 251 -0.06 -2.30 -26.92
N TYR B 252 -1.24 -2.01 -27.45
CA TYR B 252 -1.55 -0.67 -27.93
C TYR B 252 -2.96 -0.41 -27.48
N LEU B 253 -3.19 0.79 -26.94
CA LEU B 253 -4.50 1.11 -26.38
C LEU B 253 -5.07 2.36 -27.00
N TYR B 254 -6.26 2.22 -27.55
CA TYR B 254 -7.04 3.35 -28.00
C TYR B 254 -7.85 3.82 -26.82
N GLN B 255 -8.47 4.97 -26.96
CA GLN B 255 -9.33 5.48 -25.91
C GLN B 255 -10.71 5.65 -26.51
N ILE B 256 -11.69 4.99 -25.93
CA ILE B 256 -13.07 5.20 -26.36
C ILE B 256 -13.62 6.35 -25.55
N VAL B 257 -14.38 7.22 -26.22
CA VAL B 257 -14.97 8.37 -25.57
C VAL B 257 -16.45 8.34 -25.90
N ILE B 258 -17.26 8.27 -24.86
CA ILE B 258 -18.70 8.15 -25.04
C ILE B 258 -19.37 9.40 -24.48
N LEU B 259 -20.04 10.13 -25.36
CA LEU B 259 -20.68 11.37 -24.94
C LEU B 259 -22.18 11.24 -25.01
N ILE B 260 -22.86 11.77 -24.00
CA ILE B 260 -24.30 12.01 -24.09
C ILE B 260 -24.49 13.49 -24.36
N THR B 261 -25.22 13.83 -25.41
CA THR B 261 -25.37 15.23 -25.76
C THR B 261 -26.81 15.71 -25.60
N ASP B 262 -26.93 17.02 -25.46
CA ASP B 262 -28.20 17.68 -25.23
C ASP B 262 -28.16 18.94 -26.06
N GLY B 263 -28.66 18.87 -27.28
CA GLY B 263 -28.55 20.00 -28.18
C GLY B 263 -27.10 20.31 -28.49
N ASN B 264 -26.62 21.45 -28.00
CA ASN B 264 -25.26 21.89 -28.32
C ASN B 264 -24.25 21.69 -27.19
N GLY B 265 -24.67 20.94 -26.18
CA GLY B 265 -23.88 20.74 -24.98
C GLY B 265 -23.79 19.28 -24.58
N VAL B 266 -22.87 18.97 -23.69
CA VAL B 266 -22.64 17.58 -23.25
C VAL B 266 -23.25 17.33 -21.87
N LEU B 267 -23.89 16.17 -21.69
CA LEU B 267 -24.47 15.80 -20.41
C LEU B 267 -23.55 14.89 -19.61
N ASP B 268 -22.80 14.05 -20.32
CA ASP B 268 -21.90 13.10 -19.68
C ASP B 268 -20.79 12.72 -20.65
N GLU B 269 -19.66 12.32 -20.12
CA GLU B 269 -18.59 11.80 -20.93
C GLU B 269 -17.98 10.66 -20.16
N TYR B 270 -17.87 9.51 -20.79
CA TYR B 270 -17.09 8.41 -20.23
C TYR B 270 -15.94 8.06 -21.16
N ARG B 271 -14.77 7.80 -20.58
CA ARG B 271 -13.59 7.46 -21.37
C ARG B 271 -12.92 6.26 -20.74
N GLU B 272 -12.40 5.37 -21.57
CA GLU B 272 -11.68 4.21 -21.07
C GLU B 272 -10.75 3.74 -22.16
N LYS B 273 -9.59 3.20 -21.76
CA LYS B 273 -8.68 2.63 -22.74
C LYS B 273 -9.13 1.23 -23.11
N ILE B 274 -9.12 0.95 -24.41
CA ILE B 274 -9.46 -0.38 -24.91
C ILE B 274 -8.38 -0.80 -25.91
N GLY B 275 -8.32 -2.10 -26.18
CA GLY B 275 -7.34 -2.59 -27.14
C GLY B 275 -8.02 -3.39 -28.23
N ILE B 276 -7.71 -3.07 -29.48
CA ILE B 276 -8.30 -3.79 -30.60
C ILE B 276 -7.61 -5.12 -30.77
N ARG B 277 -8.34 -6.21 -30.50
CA ARG B 277 -7.78 -7.53 -30.61
C ARG B 277 -8.91 -8.53 -30.71
N THR B 278 -8.65 -9.64 -31.38
CA THR B 278 -9.62 -10.73 -31.43
C THR B 278 -9.03 -11.96 -30.76
N VAL B 279 -9.87 -12.73 -30.09
CA VAL B 279 -9.46 -14.02 -29.58
C VAL B 279 -10.46 -15.04 -30.10
N ARG B 280 -9.95 -16.14 -30.65
CA ARG B 280 -10.82 -17.13 -31.25
C ARG B 280 -10.17 -18.48 -31.02
N ILE B 281 -11.01 -19.50 -30.90
CA ILE B 281 -10.51 -20.85 -30.88
C ILE B 281 -10.80 -21.49 -32.22
N GLU B 282 -9.78 -22.11 -32.78
CA GLU B 282 -9.87 -22.75 -34.07
C GLU B 282 -9.24 -24.12 -33.89
N GLY B 283 -10.06 -25.17 -33.92
CA GLY B 283 -9.57 -26.49 -33.61
C GLY B 283 -8.92 -26.48 -32.23
N THR B 284 -7.69 -26.98 -32.15
CA THR B 284 -6.99 -27.04 -30.87
C THR B 284 -6.13 -25.81 -30.62
N LYS B 285 -6.26 -24.79 -31.49
CA LYS B 285 -5.47 -23.58 -31.35
C LYS B 285 -6.25 -22.44 -30.73
N ILE B 286 -5.55 -21.63 -29.95
CA ILE B 286 -6.07 -20.37 -29.48
C ILE B 286 -5.43 -19.30 -30.35
N LEU B 287 -6.25 -18.46 -30.96
CA LEU B 287 -5.76 -17.45 -31.88
C LEU B 287 -5.96 -16.07 -31.31
N LEU B 288 -4.88 -15.29 -31.28
CA LEU B 288 -4.97 -13.91 -30.88
C LEU B 288 -4.65 -13.10 -32.12
N ASN B 289 -5.61 -12.29 -32.57
CA ASN B 289 -5.44 -11.56 -33.82
C ASN B 289 -5.07 -12.49 -34.98
N ASP B 290 -5.74 -13.64 -35.02
CA ASP B 290 -5.60 -14.59 -36.12
C ASP B 290 -4.30 -15.38 -36.11
N ARG B 291 -3.53 -15.27 -35.03
CA ARG B 291 -2.27 -16.01 -34.93
C ARG B 291 -2.29 -16.87 -33.69
N PRO B 292 -1.82 -18.12 -33.82
CA PRO B 292 -1.82 -18.99 -32.64
C PRO B 292 -0.97 -18.39 -31.52
N VAL B 293 -1.48 -18.53 -30.31
CA VAL B 293 -0.71 -18.16 -29.15
C VAL B 293 -0.75 -19.32 -28.18
N TYR B 294 0.39 -19.59 -27.54
CA TYR B 294 0.48 -20.63 -26.54
C TYR B 294 0.57 -19.91 -25.20
N LEU B 295 -0.37 -20.18 -24.30
CA LEU B 295 -0.41 -19.48 -23.03
C LEU B 295 0.72 -19.93 -22.12
N LYS B 296 1.38 -18.96 -21.50
CA LYS B 296 2.51 -19.23 -20.63
C LYS B 296 2.40 -18.33 -19.42
N GLY B 297 2.30 -18.91 -18.23
CA GLY B 297 2.18 -18.05 -17.08
C GLY B 297 1.75 -18.82 -15.87
N PHE B 298 0.88 -18.20 -15.10
CA PHE B 298 0.59 -18.67 -13.75
C PHE B 298 -0.84 -18.43 -13.35
N GLY B 299 -1.29 -19.25 -12.42
CA GLY B 299 -2.35 -18.84 -11.53
C GLY B 299 -1.71 -17.95 -10.49
N LYS B 300 -2.41 -16.88 -10.12
CA LYS B 300 -1.92 -16.00 -9.08
C LYS B 300 -2.90 -16.04 -7.90
N HIS B 301 -2.77 -15.05 -7.03
CA HIS B 301 -3.74 -14.78 -5.98
C HIS B 301 -3.59 -13.30 -5.71
N GLU B 302 -4.58 -12.70 -5.08
CA GLU B 302 -4.35 -11.40 -4.49
C GLU B 302 -3.89 -11.68 -3.08
N ASP B 303 -2.59 -11.60 -2.87
CA ASP B 303 -2.01 -12.08 -1.63
C ASP B 303 -0.63 -11.48 -1.47
N PHE B 304 -0.36 -10.90 -0.31
CA PHE B 304 0.91 -10.25 -0.06
C PHE B 304 1.06 -10.13 1.44
N PRO B 305 2.30 -10.14 1.93
CA PRO B 305 2.47 -10.05 3.38
C PRO B 305 1.77 -8.85 4.01
N ILE B 306 1.14 -9.11 5.15
CA ILE B 306 0.45 -8.11 5.98
C ILE B 306 -0.86 -7.59 5.36
N LEU B 307 -0.80 -7.16 4.10
CA LEU B 307 -1.97 -6.60 3.45
C LEU B 307 -3.02 -7.65 3.12
N GLY B 308 -2.64 -8.92 3.09
CA GLY B 308 -3.56 -9.97 2.70
C GLY B 308 -3.91 -9.81 1.23
N ARG B 309 -5.20 -9.64 0.92
CA ARG B 309 -5.63 -9.42 -0.46
C ARG B 309 -5.74 -7.93 -0.74
N GLY B 310 -5.28 -7.11 0.20
CA GLY B 310 -5.41 -5.67 0.03
C GLY B 310 -4.76 -5.19 -1.24
N PHE B 311 -5.47 -4.37 -2.01
CA PHE B 311 -4.91 -3.89 -3.24
C PHE B 311 -3.79 -2.87 -3.03
N HIS B 312 -2.74 -3.00 -3.82
CA HIS B 312 -1.70 -1.98 -3.86
C HIS B 312 -1.01 -2.01 -5.21
N TRP B 313 -0.84 -0.84 -5.81
CA TRP B 313 -0.19 -0.82 -7.10
C TRP B 313 1.24 -1.36 -7.07
N GLY B 314 1.88 -1.31 -5.91
CA GLY B 314 3.24 -1.82 -5.81
C GLY B 314 3.29 -3.32 -6.02
N ILE B 315 2.26 -4.01 -5.55
CA ILE B 315 2.19 -5.45 -5.75
C ILE B 315 1.99 -5.73 -7.24
N VAL B 316 1.11 -4.98 -7.88
CA VAL B 316 0.93 -5.10 -9.32
C VAL B 316 2.26 -4.89 -10.04
N LYS B 317 2.98 -3.83 -9.69
CA LYS B 317 4.19 -3.50 -10.41
C LYS B 317 5.23 -4.60 -10.25
N ARG B 318 5.51 -5.00 -9.02
CA ARG B 318 6.48 -6.06 -8.82
C ARG B 318 6.06 -7.35 -9.53
N ASP B 319 4.79 -7.71 -9.40
CA ASP B 319 4.34 -8.97 -9.99
C ASP B 319 4.48 -8.95 -11.51
N PHE B 320 4.14 -7.84 -12.14
CA PHE B 320 4.29 -7.77 -13.58
C PHE B 320 5.75 -7.79 -14.00
N GLU B 321 6.62 -7.13 -13.24
CA GLU B 321 8.03 -7.20 -13.58
C GLU B 321 8.53 -8.64 -13.49
N CYS B 322 8.09 -9.36 -12.48
CA CYS B 322 8.44 -10.78 -12.34
C CYS B 322 7.87 -11.60 -13.48
N LEU B 323 6.61 -11.38 -13.78
CA LEU B 323 5.98 -12.10 -14.89
C LEU B 323 6.76 -11.90 -16.17
N LYS B 324 7.11 -10.64 -16.45
CA LYS B 324 7.84 -10.36 -17.67
C LYS B 324 9.21 -11.04 -17.67
N TRP B 325 9.86 -11.05 -16.51
CA TRP B 325 11.16 -11.67 -16.39
C TRP B 325 11.08 -13.15 -16.68
N THR B 326 9.97 -13.78 -16.31
CA THR B 326 9.80 -15.21 -16.63
C THR B 326 9.43 -15.47 -18.10
N ASN B 327 9.14 -14.39 -18.85
CA ASN B 327 8.67 -14.50 -20.24
C ASN B 327 7.25 -15.03 -20.36
N ALA B 328 6.48 -14.86 -19.29
CA ALA B 328 5.08 -15.22 -19.27
C ALA B 328 4.28 -14.30 -20.19
N ASN B 329 3.13 -14.78 -20.65
CA ASN B 329 2.21 -13.93 -21.37
C ASN B 329 0.81 -13.94 -20.80
N CYS B 330 0.60 -14.69 -19.72
CA CYS B 330 -0.77 -14.92 -19.28
C CYS B 330 -0.86 -15.22 -17.79
N PHE B 331 -1.95 -14.79 -17.17
CA PHE B 331 -2.28 -15.33 -15.86
C PHE B 331 -3.77 -15.55 -15.71
N ARG B 332 -4.11 -16.43 -14.80
CA ARG B 332 -5.50 -16.68 -14.46
C ARG B 332 -5.77 -16.02 -13.12
N THR B 333 -6.93 -15.38 -12.99
CA THR B 333 -7.28 -14.73 -11.72
C THR B 333 -7.83 -15.78 -10.75
N SER B 334 -7.03 -16.79 -10.47
CA SER B 334 -7.41 -17.75 -9.47
C SER B 334 -7.52 -17.05 -8.11
N HIS B 335 -8.60 -17.28 -7.35
CA HIS B 335 -9.80 -17.99 -7.77
C HIS B 335 -10.99 -17.07 -7.57
N TYR B 336 -10.87 -15.85 -8.09
CA TYR B 336 -11.92 -14.83 -7.91
C TYR B 336 -11.50 -13.68 -8.79
N PRO B 337 -12.45 -12.84 -9.21
CA PRO B 337 -12.04 -11.67 -9.96
C PRO B 337 -11.12 -10.83 -9.07
N TYR B 338 -10.08 -10.26 -9.67
CA TYR B 338 -9.15 -9.42 -8.94
C TYR B 338 -9.60 -7.97 -8.95
N ALA B 339 -8.88 -7.13 -8.21
CA ALA B 339 -9.12 -5.71 -8.30
C ALA B 339 -9.01 -5.28 -9.76
N GLU B 340 -9.83 -4.32 -10.16
CA GLU B 340 -9.88 -3.87 -11.54
C GLU B 340 -8.52 -3.42 -12.04
N GLU B 341 -7.75 -2.84 -11.14
CA GLU B 341 -6.44 -2.32 -11.48
C GLU B 341 -5.51 -3.37 -12.08
N TRP B 342 -5.69 -4.63 -11.71
CA TRP B 342 -4.86 -5.70 -12.28
C TRP B 342 -5.08 -5.84 -13.77
N TYR B 343 -6.33 -5.68 -14.18
CA TYR B 343 -6.70 -5.83 -15.59
C TYR B 343 -6.25 -4.60 -16.37
N GLN B 344 -6.41 -3.44 -15.77
CA GLN B 344 -5.94 -2.21 -16.41
C GLN B 344 -4.47 -2.34 -16.71
N PHE B 345 -3.73 -2.91 -15.77
CA PHE B 345 -2.30 -3.02 -15.97
C PHE B 345 -1.97 -4.10 -16.99
N ALA B 346 -2.70 -5.21 -16.97
CA ALA B 346 -2.49 -6.25 -17.96
C ALA B 346 -2.73 -5.68 -19.35
N ASP B 347 -3.71 -4.77 -19.47
CA ASP B 347 -4.00 -4.14 -20.75
C ASP B 347 -2.79 -3.36 -21.22
N GLU B 348 -2.13 -2.68 -20.28
CA GLU B 348 -0.97 -1.86 -20.64
C GLU B 348 0.24 -2.72 -20.98
N GLU B 349 0.35 -3.87 -20.33
CA GLU B 349 1.53 -4.73 -20.47
C GLU B 349 1.33 -5.83 -21.50
N GLY B 350 0.14 -5.91 -22.08
CA GLY B 350 -0.13 -6.91 -23.11
C GLY B 350 -0.20 -8.33 -22.56
N PHE B 351 -0.63 -8.46 -21.31
CA PHE B 351 -0.84 -9.79 -20.74
C PHE B 351 -2.23 -10.30 -21.01
N LEU B 352 -2.33 -11.61 -21.18
CA LEU B 352 -3.60 -12.28 -21.41
C LEU B 352 -4.12 -12.75 -20.06
N ILE B 353 -5.40 -12.53 -19.83
CA ILE B 353 -6.02 -12.93 -18.58
C ILE B 353 -7.16 -13.92 -18.78
N ILE B 354 -7.13 -15.00 -18.00
CA ILE B 354 -8.30 -15.85 -17.82
C ILE B 354 -8.98 -15.38 -16.54
N ASP B 355 -10.16 -14.80 -16.70
CA ASP B 355 -10.87 -14.16 -15.62
C ASP B 355 -11.78 -15.18 -14.97
N GLU B 356 -11.62 -15.38 -13.67
CA GLU B 356 -12.24 -16.51 -13.01
C GLU B 356 -13.23 -16.09 -11.93
N VAL B 357 -14.42 -16.68 -11.98
CA VAL B 357 -15.44 -16.46 -10.96
C VAL B 357 -15.11 -17.34 -9.75
N PRO B 358 -15.55 -16.94 -8.54
CA PRO B 358 -15.07 -17.67 -7.36
C PRO B 358 -15.72 -19.03 -7.14
N ALA B 359 -16.05 -19.73 -8.22
CA ALA B 359 -16.66 -21.05 -8.08
C ALA B 359 -15.65 -22.13 -8.39
N VAL B 360 -14.57 -21.76 -9.07
CA VAL B 360 -13.68 -22.76 -9.65
C VAL B 360 -12.71 -23.36 -8.64
N GLY B 361 -12.42 -22.61 -7.58
CA GLY B 361 -11.40 -23.00 -6.62
C GLY B 361 -11.81 -23.89 -5.47
N MET B 362 -13.03 -24.40 -5.47
CA MET B 362 -13.45 -25.28 -4.37
C MET B 362 -13.04 -26.74 -4.55
N MET B 363 -12.84 -27.42 -3.42
CA MET B 363 -12.34 -28.79 -3.42
C MET B 363 -13.15 -29.68 -2.49
N LEU B 384 -31.50 -28.23 -1.58
CA LEU B 384 -32.16 -26.95 -1.35
C LEU B 384 -31.19 -25.78 -1.47
N THR B 385 -29.95 -25.98 -1.04
CA THR B 385 -28.96 -24.91 -1.11
C THR B 385 -28.49 -24.65 -2.53
N VAL B 386 -28.53 -25.68 -3.38
CA VAL B 386 -27.95 -25.56 -4.71
C VAL B 386 -28.62 -24.51 -5.61
N PRO B 387 -29.96 -24.42 -5.60
CA PRO B 387 -30.62 -23.35 -6.35
C PRO B 387 -30.16 -21.96 -5.92
N GLU B 388 -29.95 -21.76 -4.62
CA GLU B 388 -29.43 -20.50 -4.11
C GLU B 388 -27.98 -20.31 -4.53
N LEU B 389 -27.19 -21.38 -4.46
CA LEU B 389 -25.82 -21.33 -4.94
C LEU B 389 -25.76 -20.93 -6.41
N LEU B 390 -26.65 -21.50 -7.21
CA LEU B 390 -26.70 -21.16 -8.64
C LEU B 390 -26.96 -19.67 -8.86
N LYS B 391 -27.90 -19.12 -8.10
CA LYS B 391 -28.21 -17.70 -8.20
C LYS B 391 -26.96 -16.88 -7.93
N SER B 392 -26.23 -17.25 -6.89
CA SER B 392 -24.99 -16.56 -6.55
C SER B 392 -23.94 -16.69 -7.64
N HIS B 393 -23.80 -17.90 -8.17
CA HIS B 393 -22.82 -18.18 -9.19
C HIS B 393 -23.14 -17.35 -10.44
N ILE B 394 -24.40 -17.32 -10.83
CA ILE B 394 -24.82 -16.53 -11.97
C ILE B 394 -24.58 -15.04 -11.72
N ALA B 395 -24.93 -14.57 -10.53
CA ALA B 395 -24.74 -13.16 -10.22
C ALA B 395 -23.28 -12.75 -10.33
N ASP B 396 -22.39 -13.56 -9.76
CA ASP B 396 -20.96 -13.29 -9.83
C ASP B 396 -20.50 -13.29 -11.28
N THR B 397 -21.05 -14.20 -12.07
CA THR B 397 -20.65 -14.32 -13.47
C THR B 397 -21.07 -13.06 -14.22
N GLU B 398 -22.30 -12.62 -14.00
CA GLU B 398 -22.82 -11.42 -14.64
C GLU B 398 -22.05 -10.17 -14.23
N GLU B 399 -21.76 -10.06 -12.95
CA GLU B 399 -21.02 -8.91 -12.46
C GLU B 399 -19.60 -8.91 -12.99
N MET B 400 -18.93 -10.06 -12.94
CA MET B 400 -17.56 -10.13 -13.43
C MET B 400 -17.48 -9.74 -14.91
N ILE B 401 -18.36 -10.32 -15.71
CA ILE B 401 -18.30 -10.09 -17.14
C ILE B 401 -18.66 -8.65 -17.47
N THR B 402 -19.67 -8.12 -16.81
CA THR B 402 -20.05 -6.74 -17.06
C THR B 402 -18.90 -5.82 -16.68
N ARG B 403 -18.20 -6.16 -15.60
CA ARG B 403 -17.11 -5.33 -15.14
C ARG B 403 -15.90 -5.42 -16.08
N ASP B 404 -15.60 -6.61 -16.59
CA ASP B 404 -14.29 -6.86 -17.17
C ASP B 404 -14.25 -7.02 -18.67
N LYS B 405 -15.43 -7.06 -19.30
CA LYS B 405 -15.54 -7.40 -20.72
C LYS B 405 -14.70 -6.51 -21.64
N ASN B 406 -14.52 -5.23 -21.27
CA ASN B 406 -13.89 -4.30 -22.21
C ASN B 406 -12.37 -4.22 -22.08
N HIS B 407 -11.80 -5.03 -21.20
CA HIS B 407 -10.34 -5.13 -21.11
C HIS B 407 -9.84 -5.99 -22.24
N PRO B 408 -8.90 -5.47 -23.05
CA PRO B 408 -8.36 -6.35 -24.10
C PRO B 408 -7.63 -7.53 -23.50
N SER B 409 -7.08 -7.38 -22.30
CA SER B 409 -6.35 -8.48 -21.67
C SER B 409 -7.24 -9.69 -21.40
N VAL B 410 -8.53 -9.46 -21.16
CA VAL B 410 -9.37 -10.58 -20.74
C VAL B 410 -9.78 -11.37 -21.97
N ILE B 411 -9.26 -12.60 -22.07
CA ILE B 411 -9.50 -13.42 -23.26
C ILE B 411 -10.31 -14.67 -23.00
N ALA B 412 -10.65 -14.92 -21.75
CA ALA B 412 -11.43 -16.11 -21.42
C ALA B 412 -12.03 -15.97 -20.04
N TRP B 413 -13.14 -16.68 -19.83
CA TRP B 413 -13.80 -16.74 -18.53
C TRP B 413 -13.68 -18.14 -17.99
N SER B 414 -13.19 -18.25 -16.76
CA SER B 414 -13.15 -19.53 -16.08
C SER B 414 -14.35 -19.58 -15.15
N LEU B 415 -15.26 -20.51 -15.41
CA LEU B 415 -16.61 -20.43 -14.85
C LEU B 415 -17.00 -21.56 -13.90
N PHE B 416 -16.30 -22.69 -13.96
CA PHE B 416 -16.78 -23.82 -13.18
C PHE B 416 -15.72 -24.86 -12.94
N ASN B 417 -16.00 -25.71 -11.98
CA ASN B 417 -15.19 -26.85 -11.69
C ASN B 417 -16.05 -28.10 -11.84
N GLU B 418 -15.69 -28.97 -12.77
CA GLU B 418 -16.46 -30.20 -13.01
C GLU B 418 -16.53 -31.08 -11.77
N PRO B 419 -17.75 -31.41 -11.36
CA PRO B 419 -17.96 -32.30 -10.21
C PRO B 419 -17.57 -33.73 -10.53
N GLU B 420 -17.18 -34.49 -9.51
CA GLU B 420 -16.76 -35.87 -9.71
C GLU B 420 -17.81 -36.70 -10.42
N THR B 421 -19.07 -36.57 -9.99
CA THR B 421 -20.13 -37.49 -10.38
C THR B 421 -20.98 -37.10 -11.59
N ILE B 422 -21.30 -35.82 -11.70
CA ILE B 422 -22.08 -35.30 -12.82
C ILE B 422 -23.48 -35.91 -12.90
N THR B 423 -24.48 -35.12 -12.53
CA THR B 423 -25.87 -35.52 -12.65
C THR B 423 -26.56 -34.67 -13.72
N ASP B 424 -27.78 -35.04 -14.08
CA ASP B 424 -28.56 -34.24 -15.01
C ASP B 424 -28.77 -32.84 -14.44
N TYR B 425 -28.90 -32.75 -13.13
CA TYR B 425 -29.06 -31.45 -12.49
C TYR B 425 -27.78 -30.62 -12.58
N ALA B 426 -26.64 -31.27 -12.36
CA ALA B 426 -25.36 -30.59 -12.47
C ALA B 426 -25.19 -30.01 -13.86
N TYR B 427 -25.59 -30.77 -14.88
CA TYR B 427 -25.48 -30.30 -16.25
C TYR B 427 -26.36 -29.07 -16.45
N GLU B 428 -27.58 -29.12 -15.94
CA GLU B 428 -28.51 -28.01 -16.04
C GLU B 428 -27.97 -26.79 -15.30
N TYR B 429 -27.37 -27.03 -14.14
CA TYR B 429 -26.74 -25.99 -13.35
C TYR B 429 -25.69 -25.25 -14.19
N PHE B 430 -24.74 -25.98 -14.74
CA PHE B 430 -23.67 -25.36 -15.51
C PHE B 430 -24.17 -24.74 -16.80
N LYS B 431 -25.22 -25.32 -17.37
CA LYS B 431 -25.84 -24.78 -18.57
C LYS B 431 -26.35 -23.36 -18.28
N GLU B 432 -26.96 -23.17 -17.10
CA GLU B 432 -27.48 -21.87 -16.71
C GLU B 432 -26.33 -20.88 -16.54
N VAL B 433 -25.24 -21.33 -15.94
CA VAL B 433 -24.09 -20.46 -15.73
C VAL B 433 -23.51 -20.02 -17.06
N PHE B 434 -23.30 -20.97 -17.97
CA PHE B 434 -22.77 -20.65 -19.28
C PHE B 434 -23.72 -19.76 -20.08
N ALA B 435 -25.02 -20.02 -19.96
CA ALA B 435 -26.02 -19.20 -20.63
C ALA B 435 -25.96 -17.75 -20.16
N ALA B 436 -25.82 -17.57 -18.86
CA ALA B 436 -25.68 -16.22 -18.31
C ALA B 436 -24.42 -15.56 -18.83
N ALA B 437 -23.31 -16.31 -18.84
CA ALA B 437 -22.05 -15.76 -19.33
C ALA B 437 -22.17 -15.34 -20.79
N GLU B 438 -22.79 -16.19 -21.60
CA GLU B 438 -22.97 -15.90 -23.01
C GLU B 438 -23.83 -14.65 -23.21
N THR B 439 -24.85 -14.51 -22.39
CA THR B 439 -25.74 -13.36 -22.48
C THR B 439 -25.03 -12.05 -22.17
N TYR B 440 -24.14 -12.08 -21.18
CA TYR B 440 -23.49 -10.86 -20.72
C TYR B 440 -22.21 -10.50 -21.43
N ASP B 441 -21.56 -11.47 -22.05
CA ASP B 441 -20.33 -11.17 -22.78
C ASP B 441 -20.61 -10.81 -24.22
N PHE B 442 -20.60 -9.51 -24.49
CA PHE B 442 -20.78 -8.95 -25.82
C PHE B 442 -19.82 -9.54 -26.85
N GLN B 443 -18.64 -9.97 -26.40
CA GLN B 443 -17.65 -10.56 -27.30
C GLN B 443 -17.75 -12.07 -27.46
N SER B 444 -18.53 -12.73 -26.61
CA SER B 444 -18.68 -14.18 -26.65
C SER B 444 -17.32 -14.85 -26.70
N ARG B 445 -16.40 -14.37 -25.86
CA ARG B 445 -15.04 -14.90 -25.85
C ARG B 445 -15.02 -16.23 -25.11
N PRO B 446 -13.91 -16.95 -25.20
CA PRO B 446 -13.87 -18.33 -24.72
C PRO B 446 -14.24 -18.50 -23.24
N MET B 447 -15.02 -19.54 -22.98
CA MET B 447 -15.42 -19.89 -21.63
C MET B 447 -14.89 -21.28 -21.32
N THR B 448 -14.48 -21.48 -20.08
CA THR B 448 -13.83 -22.72 -19.73
C THR B 448 -14.08 -23.06 -18.28
N GLY B 449 -13.51 -24.17 -17.83
CA GLY B 449 -13.59 -24.59 -16.44
C GLY B 449 -12.62 -25.73 -16.24
N ALA B 450 -12.60 -26.27 -15.03
CA ALA B 450 -11.63 -27.31 -14.65
C ALA B 450 -12.19 -28.71 -14.80
N PHE B 451 -11.58 -29.52 -15.64
CA PHE B 451 -12.12 -30.85 -15.96
C PHE B 451 -11.51 -31.98 -15.14
N GLU B 452 -12.34 -32.94 -14.78
CA GLU B 452 -11.94 -34.07 -13.98
C GLU B 452 -11.25 -35.15 -14.82
N LYS B 453 -10.61 -36.10 -14.16
CA LYS B 453 -10.17 -37.33 -14.81
C LYS B 453 -11.29 -38.36 -14.80
N ASN B 454 -12.04 -38.48 -15.89
CA ASN B 454 -13.03 -39.55 -16.04
C ASN B 454 -13.71 -39.60 -17.41
N CYS B 462 -18.94 -31.89 -19.47
CA CYS B 462 -19.60 -30.65 -19.88
C CYS B 462 -18.80 -29.96 -20.98
N TYR B 463 -18.06 -30.77 -21.72
CA TYR B 463 -17.25 -30.33 -22.86
C TYR B 463 -17.96 -29.41 -23.87
N PRO B 464 -19.26 -29.66 -24.15
CA PRO B 464 -19.91 -28.81 -25.17
C PRO B 464 -20.11 -27.40 -24.66
N LEU B 465 -20.16 -27.24 -23.34
CA LEU B 465 -20.32 -25.93 -22.74
C LEU B 465 -19.07 -25.09 -22.96
N CYS B 466 -17.91 -25.74 -22.93
CA CYS B 466 -16.64 -25.04 -22.93
C CYS B 466 -16.07 -24.86 -24.32
N ASP B 467 -15.32 -23.77 -24.49
CA ASP B 467 -14.58 -23.53 -25.71
C ASP B 467 -13.21 -24.20 -25.67
N PHE B 468 -12.67 -24.37 -24.47
CA PHE B 468 -11.44 -25.12 -24.31
C PHE B 468 -11.43 -25.74 -22.92
N ILE B 469 -10.52 -26.69 -22.71
CA ILE B 469 -10.52 -27.44 -21.47
C ILE B 469 -9.33 -27.01 -20.63
N CYS B 470 -9.58 -26.75 -19.36
CA CYS B 470 -8.49 -26.55 -18.41
C CYS B 470 -8.31 -27.79 -17.56
N LEU B 471 -7.05 -28.17 -17.36
CA LEU B 471 -6.71 -29.28 -16.48
C LEU B 471 -5.83 -28.78 -15.35
N ASN B 472 -6.16 -29.19 -14.14
CA ASN B 472 -5.36 -28.95 -12.95
C ASN B 472 -4.83 -30.30 -12.54
N ARG B 473 -3.52 -30.50 -12.63
CA ARG B 473 -3.00 -31.84 -12.39
C ARG B 473 -1.76 -31.81 -11.54
N TYR B 474 -1.62 -32.84 -10.71
CA TYR B 474 -0.54 -32.90 -9.74
C TYR B 474 0.08 -34.28 -9.74
N TYR B 475 0.24 -34.83 -10.94
CA TYR B 475 1.00 -36.06 -11.11
C TYR B 475 2.43 -35.72 -10.74
N GLY B 476 2.94 -36.33 -9.69
CA GLY B 476 4.26 -36.01 -9.21
C GLY B 476 4.23 -35.20 -7.93
N TRP B 477 3.02 -34.84 -7.50
CA TRP B 477 2.88 -34.20 -6.20
C TRP B 477 1.87 -34.96 -5.33
N TYR B 478 0.58 -34.78 -5.60
CA TYR B 478 -0.46 -35.47 -4.85
C TYR B 478 -0.58 -36.93 -5.25
N ILE B 479 -0.20 -37.23 -6.49
CA ILE B 479 -0.28 -38.57 -7.03
C ILE B 479 1.13 -39.01 -7.43
N SER B 480 1.61 -40.09 -6.82
CA SER B 480 2.89 -40.68 -7.17
C SER B 480 4.04 -39.69 -7.13
N GLY B 481 4.12 -38.92 -6.05
CA GLY B 481 5.21 -37.99 -5.90
C GLY B 481 6.52 -38.65 -5.49
N GLY B 482 7.62 -37.91 -5.64
CA GLY B 482 8.88 -38.35 -5.07
C GLY B 482 9.46 -39.56 -5.75
N PRO B 483 9.74 -40.62 -4.99
CA PRO B 483 10.31 -41.83 -5.59
C PRO B 483 9.42 -42.43 -6.67
N GLU B 484 8.14 -42.04 -6.69
CA GLU B 484 7.21 -42.59 -7.67
C GLU B 484 7.00 -41.68 -8.88
N ILE B 485 7.85 -40.67 -9.04
CA ILE B 485 7.63 -39.69 -10.11
C ILE B 485 7.60 -40.31 -11.52
N GLU B 486 8.33 -41.40 -11.73
CA GLU B 486 8.27 -42.04 -13.04
C GLU B 486 6.92 -42.70 -13.27
N GLU B 487 6.33 -43.22 -12.20
CA GLU B 487 4.97 -43.76 -12.25
C GLU B 487 4.00 -42.61 -12.48
N ALA B 488 4.27 -41.46 -11.85
CA ALA B 488 3.44 -40.28 -12.02
C ALA B 488 3.41 -39.88 -13.49
N GLU B 489 4.58 -39.90 -14.12
CA GLU B 489 4.65 -39.51 -15.52
C GLU B 489 3.84 -40.48 -16.39
N GLU B 490 3.93 -41.78 -16.11
CA GLU B 490 3.17 -42.76 -16.88
C GLU B 490 1.67 -42.55 -16.68
N LEU B 491 1.26 -42.30 -15.44
CA LEU B 491 -0.15 -42.06 -15.16
C LEU B 491 -0.64 -40.83 -15.91
N PHE B 492 0.20 -39.82 -15.96
CA PHE B 492 -0.11 -38.57 -16.64
C PHE B 492 -0.28 -38.82 -18.14
N ARG B 493 0.69 -39.50 -18.73
CA ARG B 493 0.60 -39.84 -20.14
C ARG B 493 -0.62 -40.71 -20.43
N ASP B 494 -0.96 -41.60 -19.50
CA ASP B 494 -2.13 -42.44 -19.70
C ASP B 494 -3.38 -41.58 -19.78
N GLU B 495 -3.49 -40.58 -18.91
CA GLU B 495 -4.66 -39.72 -18.95
C GLU B 495 -4.69 -38.90 -20.23
N MET B 496 -3.54 -38.33 -20.58
CA MET B 496 -3.47 -37.52 -21.79
C MET B 496 -3.74 -38.35 -23.04
N ASP B 497 -3.31 -39.62 -23.03
CA ASP B 497 -3.60 -40.52 -24.13
C ASP B 497 -5.10 -40.74 -24.24
N ARG B 498 -5.77 -40.77 -23.10
CA ARG B 498 -7.22 -40.92 -23.09
C ARG B 498 -7.88 -39.67 -23.67
N TRP B 499 -7.41 -38.49 -23.26
CA TRP B 499 -7.93 -37.26 -23.84
C TRP B 499 -7.67 -37.23 -25.34
N LYS B 500 -6.47 -37.65 -25.74
CA LYS B 500 -6.12 -37.67 -27.15
C LYS B 500 -7.07 -38.53 -27.93
N ALA B 501 -7.35 -39.72 -27.41
CA ALA B 501 -8.21 -40.69 -28.08
C ALA B 501 -9.66 -40.20 -28.19
N LYS B 502 -10.04 -39.23 -27.37
CA LYS B 502 -11.39 -38.68 -27.45
C LYS B 502 -11.55 -37.76 -28.66
N GLU B 503 -10.43 -37.23 -29.15
CA GLU B 503 -10.42 -36.37 -30.32
C GLU B 503 -11.48 -35.26 -30.22
N LEU B 504 -11.46 -34.53 -29.12
CA LEU B 504 -12.45 -33.48 -28.88
C LEU B 504 -12.22 -32.25 -29.74
N ASN B 505 -11.03 -32.14 -30.31
CA ASN B 505 -10.69 -31.02 -31.17
C ASN B 505 -10.88 -29.69 -30.45
N VAL B 506 -10.44 -29.62 -29.20
CA VAL B 506 -10.39 -28.36 -28.49
C VAL B 506 -9.03 -28.18 -27.85
N PRO B 507 -8.63 -26.92 -27.61
CA PRO B 507 -7.36 -26.70 -26.92
C PRO B 507 -7.46 -27.17 -25.47
N PHE B 508 -6.34 -27.64 -24.95
CA PHE B 508 -6.21 -27.95 -23.53
C PHE B 508 -5.19 -26.99 -22.93
N VAL B 509 -5.54 -26.42 -21.80
CA VAL B 509 -4.63 -25.54 -21.10
C VAL B 509 -4.45 -26.10 -19.71
N PHE B 510 -3.21 -26.35 -19.31
CA PHE B 510 -2.96 -26.71 -17.92
C PHE B 510 -3.00 -25.45 -17.07
N THR B 511 -3.94 -25.41 -16.14
CA THR B 511 -4.10 -24.22 -15.32
C THR B 511 -3.53 -24.41 -13.92
N GLU B 512 -3.14 -25.65 -13.60
CA GLU B 512 -2.39 -25.88 -12.37
C GLU B 512 -1.48 -27.07 -12.54
N PHE B 513 -0.28 -26.92 -11.99
CA PHE B 513 0.66 -28.01 -11.78
C PHE B 513 1.75 -27.36 -10.94
N GLY B 514 2.24 -28.07 -9.94
CA GLY B 514 3.25 -27.49 -9.07
C GLY B 514 3.52 -28.40 -7.89
N THR B 515 4.52 -28.03 -7.12
CA THR B 515 4.92 -28.78 -5.94
C THR B 515 5.16 -27.78 -4.83
N ASP B 516 4.76 -28.11 -3.60
CA ASP B 516 5.16 -27.25 -2.50
C ASP B 516 6.67 -27.30 -2.40
N THR B 517 7.25 -26.13 -2.25
CA THR B 517 8.69 -25.98 -2.32
C THR B 517 9.10 -24.95 -1.29
N MET B 518 9.87 -25.37 -0.30
CA MET B 518 10.35 -24.44 0.71
C MET B 518 11.62 -23.79 0.20
N ALA B 519 11.59 -22.47 0.04
CA ALA B 519 12.81 -21.77 -0.34
C ALA B 519 13.96 -22.15 0.58
N GLY B 520 15.09 -22.54 -0.01
CA GLY B 520 16.25 -22.90 0.77
C GLY B 520 16.36 -24.35 1.14
N LEU B 521 15.30 -25.12 0.89
CA LEU B 521 15.36 -26.56 1.12
C LEU B 521 15.99 -27.21 -0.10
N HIS B 522 17.24 -27.63 0.06
CA HIS B 522 18.00 -28.24 -1.02
C HIS B 522 18.28 -29.68 -0.69
N LYS B 523 18.20 -30.55 -1.68
CA LYS B 523 18.53 -31.93 -1.43
C LYS B 523 18.99 -32.60 -2.71
N LEU B 524 20.01 -33.43 -2.57
CA LEU B 524 20.58 -34.20 -3.67
C LEU B 524 20.76 -35.64 -3.19
N PRO B 525 19.98 -36.58 -3.73
CA PRO B 525 18.93 -36.35 -4.72
C PRO B 525 17.75 -35.60 -4.11
N SER B 526 16.94 -35.04 -4.98
CA SER B 526 15.85 -34.18 -4.56
C SER B 526 14.82 -34.96 -3.76
N ILE B 527 14.10 -34.21 -2.94
CA ILE B 527 12.93 -34.72 -2.24
C ILE B 527 11.76 -33.79 -2.47
N MET B 528 10.55 -34.34 -2.36
CA MET B 528 9.38 -33.49 -2.31
C MET B 528 9.61 -32.41 -1.26
N TRP B 529 9.29 -31.18 -1.67
CA TRP B 529 9.44 -29.92 -0.89
C TRP B 529 10.75 -29.18 -1.17
N SER B 530 11.71 -29.85 -1.80
CA SER B 530 12.96 -29.19 -2.14
C SER B 530 12.85 -28.37 -3.41
N GLU B 531 13.76 -27.41 -3.54
CA GLU B 531 13.83 -26.59 -4.75
C GLU B 531 14.19 -27.44 -5.96
N GLU B 532 15.03 -28.45 -5.76
CA GLU B 532 15.44 -29.31 -6.86
C GLU B 532 14.29 -30.15 -7.35
N TYR B 533 13.44 -30.61 -6.44
CA TYR B 533 12.30 -31.42 -6.84
C TYR B 533 11.31 -30.58 -7.66
N GLN B 534 11.15 -29.33 -7.29
CA GLN B 534 10.27 -28.45 -8.05
C GLN B 534 10.76 -28.37 -9.48
N LYS B 535 12.06 -28.21 -9.68
CA LYS B 535 12.62 -28.22 -11.02
C LYS B 535 12.32 -29.52 -11.76
N GLU B 536 12.62 -30.64 -11.14
CA GLU B 536 12.46 -31.93 -11.79
C GLU B 536 11.00 -32.22 -12.12
N TYR B 537 10.13 -31.87 -11.18
CA TYR B 537 8.71 -32.02 -11.40
C TYR B 537 8.26 -31.23 -12.62
N LEU B 538 8.70 -29.98 -12.71
CA LEU B 538 8.31 -29.15 -13.84
C LEU B 538 8.83 -29.75 -15.14
N GLU B 539 10.07 -30.23 -15.13
CA GLU B 539 10.65 -30.80 -16.33
C GLU B 539 9.83 -31.98 -16.82
N MET B 540 9.39 -32.82 -15.88
CA MET B 540 8.59 -33.99 -16.24
C MET B 540 7.27 -33.55 -16.83
N ASN B 541 6.64 -32.57 -16.19
CA ASN B 541 5.38 -32.05 -16.71
C ASN B 541 5.53 -31.51 -18.13
N PHE B 542 6.57 -30.72 -18.36
CA PHE B 542 6.83 -30.19 -19.70
C PHE B 542 6.98 -31.32 -20.72
N ARG B 543 7.71 -32.38 -20.36
CA ARG B 543 7.88 -33.49 -21.28
C ARG B 543 6.53 -34.04 -21.69
N VAL B 544 5.62 -34.16 -20.72
CA VAL B 544 4.28 -34.64 -20.99
C VAL B 544 3.49 -33.64 -21.84
N PHE B 545 3.45 -32.39 -21.42
CA PHE B 545 2.72 -31.36 -22.16
C PHE B 545 3.11 -31.39 -23.64
N ASP B 546 4.41 -31.41 -23.87
CA ASP B 546 4.96 -31.30 -25.22
C ASP B 546 4.70 -32.53 -26.08
N SER B 547 4.15 -33.58 -25.48
CA SER B 547 3.87 -34.80 -26.22
C SER B 547 2.50 -34.78 -26.87
N TYR B 548 1.73 -33.73 -26.63
CA TYR B 548 0.35 -33.66 -27.12
C TYR B 548 0.11 -32.34 -27.85
N GLU B 549 -0.29 -32.46 -29.11
CA GLU B 549 -0.44 -31.29 -29.97
C GLU B 549 -1.52 -30.35 -29.44
N PHE B 550 -2.55 -30.92 -28.83
CA PHE B 550 -3.71 -30.13 -28.44
C PHE B 550 -3.49 -29.31 -27.17
N VAL B 551 -2.33 -29.48 -26.54
CA VAL B 551 -2.01 -28.64 -25.40
C VAL B 551 -1.67 -27.27 -25.95
N GLN B 552 -2.25 -26.23 -25.37
CA GLN B 552 -2.12 -24.90 -25.95
C GLN B 552 -1.78 -23.88 -24.88
N GLY B 553 -1.51 -24.34 -23.67
CA GLY B 553 -1.11 -23.40 -22.65
C GLY B 553 -0.72 -24.10 -21.38
N GLU B 554 0.12 -23.42 -20.61
CA GLU B 554 0.56 -23.93 -19.32
C GLU B 554 0.64 -22.77 -18.36
N LEU B 555 -0.24 -22.79 -17.36
CA LEU B 555 -0.24 -21.79 -16.30
C LEU B 555 0.07 -22.55 -15.03
N ALA B 556 1.26 -22.32 -14.49
CA ALA B 556 1.74 -23.04 -13.31
C ALA B 556 1.02 -22.59 -12.04
N TRP B 557 0.91 -23.50 -11.09
CA TRP B 557 0.40 -23.17 -9.77
C TRP B 557 1.58 -23.18 -8.81
N ASN B 558 1.93 -22.05 -8.18
CA ASN B 558 1.29 -20.75 -8.32
C ASN B 558 2.42 -19.77 -8.65
N PHE B 559 2.07 -18.56 -9.10
CA PHE B 559 3.07 -17.52 -9.23
C PHE B 559 3.89 -17.35 -7.93
N ALA B 560 3.21 -17.27 -6.80
CA ALA B 560 3.91 -16.98 -5.55
C ALA B 560 3.27 -17.72 -4.39
N ASP B 561 4.09 -18.07 -3.41
CA ASP B 561 3.59 -18.65 -2.17
C ASP B 561 2.52 -17.73 -1.62
N PHE B 562 1.46 -18.31 -1.08
CA PHE B 562 0.32 -17.53 -0.63
C PHE B 562 -0.31 -18.13 0.61
N GLN B 563 -1.09 -17.31 1.32
CA GLN B 563 -1.64 -17.75 2.59
C GLN B 563 -2.82 -18.72 2.41
N THR B 564 -2.82 -19.75 3.24
CA THR B 564 -3.97 -20.65 3.33
C THR B 564 -4.38 -20.76 4.79
N THR B 565 -5.51 -21.44 5.02
CA THR B 565 -5.85 -21.89 6.36
C THR B 565 -4.72 -22.74 6.90
N GLU B 566 -4.48 -22.64 8.21
CA GLU B 566 -3.48 -23.46 8.85
C GLU B 566 -3.86 -24.91 8.78
N GLY B 567 -2.86 -25.78 8.75
CA GLY B 567 -3.14 -27.19 8.83
C GLY B 567 -1.87 -28.00 8.70
N ILE B 568 -2.00 -29.31 8.85
CA ILE B 568 -0.83 -30.18 8.78
C ILE B 568 -0.29 -30.32 7.37
N MET B 569 -0.99 -29.78 6.38
CA MET B 569 -0.50 -29.88 5.01
C MET B 569 -0.03 -28.55 4.45
N ARG B 570 -0.06 -27.52 5.28
CA ARG B 570 0.30 -26.19 4.82
C ARG B 570 1.29 -25.53 5.78
N VAL B 571 2.51 -25.36 5.31
CA VAL B 571 3.60 -24.82 6.12
C VAL B 571 3.68 -23.32 5.91
N ASP B 572 2.89 -22.57 6.70
CA ASP B 572 2.69 -21.15 6.45
C ASP B 572 2.17 -20.95 5.03
N GLY B 573 0.97 -21.43 4.81
CA GLY B 573 0.32 -21.30 3.53
C GLY B 573 0.80 -22.32 2.52
N ASN B 574 0.55 -21.99 1.26
CA ASN B 574 0.82 -22.84 0.14
C ASN B 574 2.15 -22.43 -0.45
N HIS B 575 3.06 -23.39 -0.60
CA HIS B 575 4.40 -23.09 -1.07
C HIS B 575 4.66 -23.58 -2.47
N LYS B 576 3.60 -23.73 -3.26
CA LYS B 576 3.78 -24.09 -4.65
C LYS B 576 4.20 -22.89 -5.50
N GLY B 577 4.43 -21.76 -4.86
CA GLY B 577 4.92 -20.61 -5.60
C GLY B 577 6.23 -20.90 -6.32
N VAL B 578 6.37 -20.30 -7.50
CA VAL B 578 7.64 -20.27 -8.19
C VAL B 578 8.45 -19.09 -7.60
N PHE B 579 7.73 -18.09 -7.10
CA PHE B 579 8.30 -17.01 -6.33
C PHE B 579 7.89 -17.15 -4.86
N THR B 580 8.69 -16.59 -3.97
CA THR B 580 8.35 -16.52 -2.57
C THR B 580 7.30 -15.43 -2.38
N ARG B 581 6.58 -15.46 -1.29
CA ARG B 581 5.51 -14.50 -1.04
C ARG B 581 5.95 -13.04 -1.19
N ASP B 582 7.20 -12.82 -0.81
CA ASP B 582 7.79 -11.53 -1.06
C ASP B 582 8.47 -11.33 -2.40
N ARG B 583 8.12 -12.20 -3.32
CA ARG B 583 8.28 -12.01 -4.72
C ARG B 583 9.71 -12.18 -5.18
N GLN B 584 10.35 -13.21 -4.68
CA GLN B 584 11.71 -13.55 -5.08
C GLN B 584 11.73 -14.95 -5.65
N PRO B 585 12.57 -15.19 -6.66
CA PRO B 585 12.48 -16.44 -7.41
C PRO B 585 13.13 -17.62 -6.70
N LYS B 586 12.42 -18.74 -6.63
CA LYS B 586 13.05 -20.00 -6.29
C LYS B 586 13.82 -20.50 -7.51
N ALA B 587 14.58 -21.58 -7.35
CA ALA B 587 15.31 -22.13 -8.48
C ALA B 587 14.43 -22.37 -9.71
N ALA B 588 13.22 -22.85 -9.48
CA ALA B 588 12.34 -23.25 -10.58
C ALA B 588 11.91 -22.06 -11.45
N ALA B 589 11.98 -20.85 -10.91
CA ALA B 589 11.59 -19.68 -11.71
C ALA B 589 12.42 -19.58 -12.97
N VAL B 590 13.70 -19.93 -12.88
CA VAL B 590 14.59 -19.89 -14.04
C VAL B 590 14.21 -20.92 -15.09
N VAL B 591 13.72 -22.07 -14.64
CA VAL B 591 13.26 -23.12 -15.55
C VAL B 591 12.16 -22.56 -16.44
N PHE B 592 11.18 -21.89 -15.84
CA PHE B 592 10.14 -21.26 -16.62
C PHE B 592 10.70 -20.19 -17.55
N LYS B 593 11.58 -19.34 -17.03
CA LYS B 593 12.15 -18.26 -17.81
C LYS B 593 12.81 -18.81 -19.07
N ASP B 594 13.64 -19.82 -18.90
CA ASP B 594 14.36 -20.41 -20.03
C ASP B 594 13.41 -21.08 -21.02
N ARG B 595 12.40 -21.78 -20.51
CA ARG B 595 11.47 -22.47 -21.39
C ARG B 595 10.60 -21.50 -22.17
N TRP B 596 10.17 -20.44 -21.52
CA TRP B 596 9.28 -19.54 -22.15
C TRP B 596 9.90 -18.48 -23.06
N GLU B 597 11.19 -18.36 -22.98
CA GLU B 597 11.90 -17.39 -23.78
C GLU B 597 11.69 -17.69 -25.26
C10 CKU C . 23.64 0.61 13.09
C01 CKU C . 27.15 4.02 16.35
C02 CKU C . 26.15 3.05 15.73
C03 CKU C . 25.43 3.65 14.55
N04 CKU C . 24.32 2.80 14.10
C05 CKU C . 23.59 3.48 13.00
C06 CKU C . 22.51 2.62 12.40
O07 CKU C . 21.92 3.30 11.28
C08 CKU C . 23.07 1.33 11.92
O09 CKU C . 22.06 0.51 11.27
C11 CKU C . 24.78 1.45 13.71
C12 CKU C . 24.20 -0.78 12.81
O13 CKU C . 25.42 -0.90 12.55
O14 CKU C . 23.42 -1.76 12.82
C10 CKU D . -4.21 -26.37 -5.27
C01 CKU D . -8.65 -28.61 -8.99
C02 CKU D . -7.96 -27.42 -8.30
C03 CKU D . -7.07 -27.91 -7.20
N04 CKU D . -6.10 -26.86 -6.82
C05 CKU D . -6.82 -25.70 -6.24
C06 CKU D . -5.86 -24.66 -5.68
O07 CKU D . -6.61 -23.60 -5.09
C08 CKU D . -5.00 -25.28 -4.64
O09 CKU D . -4.13 -24.28 -4.03
C11 CKU D . -5.14 -27.44 -5.85
C12 CKU D . -3.20 -27.03 -4.32
O13 CKU D . -2.06 -26.53 -4.20
O14 CKU D . -3.55 -28.06 -3.70
#